data_3U2S
#
_entry.id   3U2S
#
_cell.length_a   89.465
_cell.length_b   86.565
_cell.length_c   94.879
_cell.angle_alpha   90.00
_cell.angle_beta   92.08
_cell.angle_gamma   90.00
#
_symmetry.space_group_name_H-M   'P 1 21 1'
#
loop_
_entity.id
_entity.type
_entity.pdbx_description
1 polymer 'PG9 heavy chain'
2 polymer 'PG9 light chain'
3 polymer 'Envelope glycoprotein gp120'
4 branched alpha-D-mannopyranose-(1-3)-[alpha-D-mannopyranose-(1-6)]alpha-D-mannopyranose-(1-6)-[alpha-D-mannopyranose-(1-3)]beta-D-mannopyranose-(1-4)-2-acetamido-2-deoxy-beta-D-glucopyranose-(1-4)-2-acetamido-2-deoxy-beta-D-glucopyranose
5 non-polymer 'SULFATE ION'
6 non-polymer (R,R)-2,3-BUTANEDIOL
7 non-polymer 2-acetamido-2-deoxy-beta-D-glucopyranose
8 water water
#
loop_
_entity_poly.entity_id
_entity_poly.type
_entity_poly.pdbx_seq_one_letter_code
_entity_poly.pdbx_strand_id
1 'polypeptide(L)'
;(PCA)RLVESGGGVVQPGSSLRLSCAASGFDFSRQGMHWVRQAPGQGLEWVAFIKYDGSEKYHADSVWGRLSISRDNSKD
TLYLQMNSLRVEDTATYFCVREAGGPDYRNGYN(TYS)(TYS)DFYDGYYNYHYMDVWGKGTTVTVSSASTKGPSVFPLA
PSSKSTSGGTAALGCLVKDYFPEPVTVSWNSGALTSGVHTFPAVLQSSGLYSLSSVVTVPSSSLGTQTYICNVNHKPSNT
KVDKKVEPKSCDKGLEVLFQ
;
H,A
2 'polypeptide(L)'
;QSALTQPASVSGSPGQSITISCQGTSNDVGGYESVSWYQQHPGKAPKVVIYDVSKRPSGVSNRFSGSKSGNTASLTISGL
QAEDEGDYYCKSLTSTRRRVFGTGTKLTVLGQPKAAPSVTLFPPSSEELQANKATLVCLISDFYPGAVTVAWKADSSPVK
AGVETTTPSKQSNNKYAASSYLSLTPEQWKSHKSYSCQVTHEGSTVEKTVAPTECS
;
L,B
3 'polypeptide(L)'
;MTTFKLAACVTLACTSPAAHAESETRVKHCSFNITTDVKDRKQKVNATFYDLDIVPLSSSDASSASSLYRLISCQTTTTE
AVDAATAAKVFKQYANDNGIDGEWTYDDATKTFTVTEGLEVLFQ
;
G,C
#
# COMPACT_ATOMS: atom_id res chain seq x y z
N ARG A 2 -4.98 -19.77 14.05
CA ARG A 2 -5.00 -18.48 14.70
C ARG A 2 -4.46 -18.62 16.12
N LEU A 3 -3.78 -17.58 16.58
CA LEU A 3 -3.22 -17.50 17.92
C LEU A 3 -3.64 -16.16 18.52
N VAL A 4 -4.17 -16.19 19.73
CA VAL A 4 -4.67 -14.96 20.35
C VAL A 4 -4.13 -14.82 21.75
N GLU A 5 -3.25 -13.83 21.93
CA GLU A 5 -2.63 -13.57 23.23
C GLU A 5 -3.53 -12.71 24.09
N SER A 6 -3.40 -12.87 25.41
CA SER A 6 -4.05 -11.98 26.35
C SER A 6 -3.29 -12.04 27.67
N GLY A 7 -3.67 -11.17 28.61
CA GLY A 7 -3.06 -11.18 29.93
C GLY A 7 -2.05 -10.05 30.10
N GLY A 8 -1.78 -9.33 29.02
CA GLY A 8 -0.87 -8.19 29.08
C GLY A 8 -1.48 -7.04 29.87
N GLY A 9 -0.68 -6.04 30.17
CA GLY A 9 -1.16 -4.88 30.92
C GLY A 9 -0.03 -3.96 31.35
N VAL A 10 -0.37 -2.96 32.15
CA VAL A 10 0.58 -1.99 32.66
C VAL A 10 0.82 -2.31 34.13
N VAL A 11 2.07 -2.61 34.48
CA VAL A 11 2.41 -3.09 35.82
C VAL A 11 3.70 -2.46 36.30
N GLN A 12 4.09 -2.73 37.54
CA GLN A 12 5.28 -2.09 38.11
C GLN A 12 6.39 -3.12 38.26
N PRO A 13 7.66 -2.68 38.25
CA PRO A 13 8.75 -3.65 38.37
C PRO A 13 8.67 -4.41 39.69
N GLY A 14 8.96 -5.71 39.62
CA GLY A 14 8.84 -6.60 40.77
C GLY A 14 7.54 -7.39 40.75
N SER A 15 6.60 -7.00 39.90
CA SER A 15 5.29 -7.65 39.88
C SER A 15 5.34 -8.91 39.03
N SER A 16 4.23 -9.66 39.00
CA SER A 16 4.11 -10.84 38.15
C SER A 16 2.91 -10.66 37.23
N LEU A 17 2.93 -11.38 36.12
CA LEU A 17 1.86 -11.32 35.15
C LEU A 17 1.85 -12.70 34.49
N ARG A 18 0.70 -13.22 34.11
CA ARG A 18 0.67 -14.46 33.34
C ARG A 18 0.03 -14.22 31.97
N LEU A 19 0.80 -14.44 30.91
CA LEU A 19 0.24 -14.31 29.56
C LEU A 19 -0.34 -15.64 29.11
N SER A 20 -1.44 -15.58 28.38
CA SER A 20 -2.05 -16.76 27.80
C SER A 20 -2.17 -16.55 26.31
N CYS A 21 -2.24 -17.65 25.58
CA CYS A 21 -2.38 -17.63 24.14
C CYS A 21 -3.31 -18.77 23.77
N ALA A 22 -4.48 -18.44 23.22
CA ALA A 22 -5.44 -19.44 22.79
C ALA A 22 -5.18 -19.81 21.33
N ALA A 23 -4.99 -21.11 21.09
CA ALA A 23 -4.70 -21.58 19.73
C ALA A 23 -5.95 -22.20 19.14
N SER A 24 -6.15 -22.03 17.83
CA SER A 24 -7.24 -22.70 17.14
C SER A 24 -6.91 -22.88 15.66
N GLY A 25 -7.65 -23.78 15.00
CA GLY A 25 -7.48 -24.00 13.59
C GLY A 25 -6.32 -24.91 13.21
N PHE A 26 -5.70 -25.55 14.20
CA PHE A 26 -4.70 -26.59 13.95
C PHE A 26 -4.59 -27.49 15.16
N ASP A 27 -3.92 -28.63 15.01
CA ASP A 27 -3.77 -29.57 16.12
C ASP A 27 -2.65 -29.12 17.04
N PHE A 28 -3.01 -28.31 18.03
CA PHE A 28 -2.06 -27.71 18.96
C PHE A 28 -1.10 -28.72 19.56
N SER A 29 -1.61 -29.88 19.95
CA SER A 29 -0.83 -30.83 20.74
C SER A 29 0.28 -31.52 19.96
N ARG A 30 0.35 -31.31 18.65
CA ARG A 30 1.41 -31.94 17.86
C ARG A 30 2.53 -30.97 17.49
N GLN A 31 2.38 -29.69 17.84
CA GLN A 31 3.32 -28.68 17.36
C GLN A 31 4.03 -27.90 18.46
N GLY A 32 5.28 -27.56 18.17
CA GLY A 32 6.06 -26.73 19.06
C GLY A 32 5.58 -25.28 18.99
N MET A 33 5.84 -24.52 20.06
CA MET A 33 5.34 -23.14 20.17
C MET A 33 6.39 -22.27 20.83
N HIS A 34 6.40 -20.98 20.49
CA HIS A 34 7.36 -20.03 21.04
C HIS A 34 6.63 -18.83 21.63
N TRP A 35 7.34 -18.11 22.50
CA TRP A 35 7.06 -16.69 22.69
C TRP A 35 8.22 -15.89 22.11
N VAL A 36 7.87 -14.76 21.49
CA VAL A 36 8.84 -13.81 20.94
C VAL A 36 8.37 -12.44 21.40
N ARG A 37 9.30 -11.55 21.74
CA ARG A 37 8.89 -10.21 22.17
C ARG A 37 9.59 -9.11 21.41
N GLN A 38 9.03 -7.92 21.48
CA GLN A 38 9.57 -6.78 20.76
C GLN A 38 9.30 -5.51 21.53
N ALA A 39 10.35 -4.92 22.09
CA ALA A 39 10.17 -3.67 22.83
C ALA A 39 9.87 -2.57 21.81
N PRO A 40 9.18 -1.52 22.26
CA PRO A 40 8.74 -0.51 21.30
C PRO A 40 9.90 0.14 20.55
N GLY A 41 9.85 0.13 19.22
CA GLY A 41 10.89 0.72 18.41
C GLY A 41 12.16 -0.12 18.37
N GLN A 42 12.11 -1.35 18.88
CA GLN A 42 13.33 -2.18 18.92
C GLN A 42 13.12 -3.48 18.14
N GLY A 43 14.10 -4.37 18.21
CA GLY A 43 14.09 -5.58 17.39
C GLY A 43 13.39 -6.76 18.06
N LEU A 44 13.20 -7.83 17.29
CA LEU A 44 12.62 -9.05 17.83
C LEU A 44 13.60 -9.75 18.76
N GLU A 45 13.09 -10.33 19.84
CA GLU A 45 13.91 -11.14 20.74
C GLU A 45 13.18 -12.44 21.07
N TRP A 46 13.83 -13.57 20.78
CA TRP A 46 13.23 -14.86 21.05
C TRP A 46 13.21 -15.03 22.56
N VAL A 47 12.09 -15.48 23.10
CA VAL A 47 11.93 -15.61 24.56
C VAL A 47 12.02 -17.08 24.97
N ALA A 48 11.25 -17.95 24.33
CA ALA A 48 11.19 -19.36 24.79
C ALA A 48 10.50 -20.25 23.77
N PHE A 49 10.78 -21.55 23.87
CA PHE A 49 10.21 -22.56 22.98
C PHE A 49 9.79 -23.73 23.86
N ILE A 50 8.66 -24.34 23.53
CA ILE A 50 8.22 -25.54 24.23
C ILE A 50 7.79 -26.63 23.24
N LYS A 51 8.27 -27.83 23.48
CA LYS A 51 7.98 -28.97 22.64
C LYS A 51 6.49 -29.29 22.66
N TYR A 52 6.02 -29.97 21.61
CA TYR A 52 4.60 -30.27 21.42
C TYR A 52 3.93 -30.89 22.65
N ASP A 53 4.63 -31.81 23.31
CA ASP A 53 4.06 -32.50 24.45
C ASP A 53 4.53 -31.89 25.77
N GLY A 54 5.21 -30.76 25.69
CA GLY A 54 5.63 -30.04 26.88
C GLY A 54 6.76 -30.73 27.61
N SER A 55 7.38 -31.73 26.98
CA SER A 55 8.39 -32.55 27.67
C SER A 55 9.74 -31.84 27.75
N GLU A 56 9.96 -30.85 26.89
CA GLU A 56 11.18 -30.08 26.92
C GLU A 56 10.86 -28.63 26.63
N LYS A 57 11.59 -27.72 27.28
CA LYS A 57 11.40 -26.28 27.06
C LYS A 57 12.75 -25.58 27.13
N TYR A 58 12.89 -24.46 26.43
CA TYR A 58 14.15 -23.73 26.35
C TYR A 58 13.86 -22.26 26.48
N HIS A 59 14.76 -21.52 27.12
CA HIS A 59 14.55 -20.09 27.36
C HIS A 59 15.79 -19.28 27.02
N ALA A 60 15.61 -18.02 26.64
CA ALA A 60 16.74 -17.14 26.40
C ALA A 60 17.44 -16.80 27.72
N ASP A 61 18.76 -16.58 27.66
CA ASP A 61 19.51 -16.20 28.86
C ASP A 61 18.94 -14.94 29.52
N SER A 62 18.41 -14.01 28.72
CA SER A 62 17.94 -12.74 29.26
C SER A 62 16.68 -12.87 30.11
N VAL A 63 15.97 -13.99 29.99
CA VAL A 63 14.69 -14.15 30.68
C VAL A 63 14.64 -15.36 31.62
N TRP A 64 15.64 -16.22 31.56
CA TRP A 64 15.68 -17.37 32.46
C TRP A 64 16.01 -16.91 33.92
N GLY A 65 15.39 -17.42 34.97
CA GLY A 65 14.07 -18.00 34.96
C GLY A 65 13.23 -17.01 35.74
N ARG A 66 12.97 -15.89 35.07
CA ARG A 66 11.94 -14.96 35.48
C ARG A 66 10.71 -15.20 34.63
N LEU A 67 10.93 -15.50 33.34
CA LEU A 67 9.81 -15.77 32.44
C LEU A 67 9.85 -17.24 32.04
N SER A 68 8.73 -17.95 32.24
CA SER A 68 8.68 -19.39 32.03
C SER A 68 7.53 -19.78 31.13
N ILE A 69 7.84 -20.54 30.10
CA ILE A 69 6.84 -21.02 29.15
C ILE A 69 6.25 -22.33 29.66
N SER A 70 4.97 -22.54 29.40
CA SER A 70 4.32 -23.81 29.68
C SER A 70 3.14 -23.92 28.73
N ARG A 71 2.49 -25.09 28.71
CA ARG A 71 1.32 -25.25 27.85
C ARG A 71 0.34 -26.20 28.49
N ASP A 72 -0.91 -26.06 28.09
CA ASP A 72 -1.95 -27.01 28.51
C ASP A 72 -2.66 -27.48 27.25
N ASN A 73 -2.31 -28.68 26.79
CA ASN A 73 -2.84 -29.15 25.52
C ASN A 73 -4.33 -29.48 25.57
N SER A 74 -4.85 -29.74 26.76
CA SER A 74 -6.27 -30.06 26.88
C SER A 74 -7.11 -28.79 26.74
N LYS A 75 -6.46 -27.64 26.84
CA LYS A 75 -7.13 -26.35 26.66
C LYS A 75 -6.60 -25.58 25.44
N ASP A 76 -5.78 -26.23 24.61
CA ASP A 76 -5.15 -25.55 23.48
C ASP A 76 -4.62 -24.17 23.87
N THR A 77 -3.89 -24.10 24.98
CA THR A 77 -3.40 -22.83 25.47
C THR A 77 -1.92 -22.89 25.79
N LEU A 78 -1.22 -21.81 25.43
CA LEU A 78 0.20 -21.64 25.75
C LEU A 78 0.27 -20.54 26.80
N TYR A 79 1.20 -20.66 27.76
CA TYR A 79 1.33 -19.64 28.81
C TYR A 79 2.75 -19.07 28.87
N LEU A 80 2.87 -17.85 29.39
CA LEU A 80 4.17 -17.32 29.79
C LEU A 80 3.99 -16.75 31.19
N GLN A 81 4.58 -17.42 32.18
CA GLN A 81 4.50 -16.92 33.55
C GLN A 81 5.63 -15.94 33.74
N MET A 82 5.29 -14.70 34.05
CA MET A 82 6.30 -13.64 34.15
C MET A 82 6.42 -13.18 35.60
N ASN A 83 7.56 -13.45 36.24
CA ASN A 83 7.78 -13.04 37.63
C ASN A 83 8.91 -12.02 37.73
N SER A 84 8.96 -11.30 38.84
CA SER A 84 10.05 -10.36 39.10
C SER A 84 10.28 -9.46 37.90
N LEU A 85 9.19 -8.88 37.39
CA LEU A 85 9.27 -8.13 36.13
C LEU A 85 10.22 -6.93 36.25
N ARG A 86 10.89 -6.62 35.16
CA ARG A 86 11.79 -5.47 35.09
C ARG A 86 11.31 -4.52 34.00
N VAL A 87 11.72 -3.26 34.08
CA VAL A 87 11.35 -2.27 33.07
C VAL A 87 11.76 -2.80 31.69
N GLU A 88 12.94 -3.41 31.59
CA GLU A 88 13.42 -3.93 30.30
C GLU A 88 12.60 -5.11 29.74
N ASP A 89 11.60 -5.58 30.48
CA ASP A 89 10.67 -6.59 29.98
C ASP A 89 9.50 -5.96 29.22
N THR A 90 9.46 -4.62 29.20
CA THR A 90 8.42 -3.89 28.49
C THR A 90 8.51 -4.27 27.01
N ALA A 91 7.41 -4.81 26.47
CA ALA A 91 7.41 -5.20 25.05
C ALA A 91 6.03 -5.67 24.63
N THR A 92 5.82 -5.75 23.33
CA THR A 92 4.77 -6.59 22.80
C THR A 92 5.25 -8.05 22.82
N TYR A 93 4.38 -8.94 23.30
CA TYR A 93 4.68 -10.37 23.40
C TYR A 93 3.83 -11.12 22.39
N PHE A 94 4.49 -11.84 21.49
CA PHE A 94 3.80 -12.61 20.47
C PHE A 94 3.86 -14.10 20.81
N CYS A 95 2.72 -14.75 20.68
CA CYS A 95 2.62 -16.20 20.67
C CYS A 95 2.88 -16.67 19.23
N VAL A 96 3.71 -17.68 19.04
CA VAL A 96 4.18 -18.01 17.68
C VAL A 96 4.30 -19.51 17.48
N ARG A 97 3.79 -20.02 16.36
CA ARG A 97 3.86 -21.45 16.08
C ARG A 97 5.19 -21.84 15.36
N GLU A 98 5.87 -22.88 15.85
CA GLU A 98 7.01 -23.47 15.13
C GLU A 98 6.47 -24.29 13.97
N ALA A 99 6.88 -23.96 12.75
CA ALA A 99 6.49 -24.76 11.60
C ALA A 99 7.02 -26.16 11.82
N GLY A 100 6.25 -27.16 11.41
CA GLY A 100 6.64 -28.53 11.64
C GLY A 100 5.83 -29.52 10.85
N GLY A 101 6.20 -30.80 10.96
CA GLY A 101 5.55 -31.86 10.21
C GLY A 101 6.39 -33.12 10.30
N PRO A 102 6.15 -34.07 9.39
CA PRO A 102 6.91 -35.32 9.40
C PRO A 102 8.32 -35.12 8.88
N ASP A 103 9.20 -36.06 9.19
CA ASP A 103 10.50 -36.13 8.54
C ASP A 103 10.33 -37.15 7.42
N TYR A 104 10.43 -36.68 6.18
CA TYR A 104 10.18 -37.57 5.05
C TYR A 104 11.49 -38.18 4.57
N ARG A 105 11.60 -39.50 4.66
CA ARG A 105 12.74 -40.19 4.09
C ARG A 105 12.46 -41.66 3.83
N ASN A 106 13.16 -42.22 2.85
CA ASN A 106 12.97 -43.60 2.43
C ASN A 106 11.50 -43.93 2.19
N GLY A 107 10.77 -42.97 1.65
CA GLY A 107 9.38 -43.18 1.30
C GLY A 107 8.43 -43.20 2.49
N TYR A 108 8.96 -42.85 3.66
CA TYR A 108 8.14 -42.86 4.88
C TYR A 108 8.07 -41.48 5.50
N ASN A 109 6.94 -41.22 6.14
CA ASN A 109 6.76 -40.03 6.96
C ASN A 109 7.06 -40.42 8.42
N ASP A 112 7.61 -37.93 15.62
CA ASP A 112 8.24 -38.08 16.93
C ASP A 112 7.33 -38.89 17.84
N PHE A 113 7.72 -39.03 19.10
CA PHE A 113 6.93 -39.77 20.09
C PHE A 113 5.47 -39.35 20.03
N TYR A 114 4.57 -40.32 20.07
CA TYR A 114 3.14 -40.02 20.17
C TYR A 114 2.67 -39.21 18.97
N ASP A 115 3.35 -39.35 17.83
CA ASP A 115 2.91 -38.73 16.58
C ASP A 115 3.18 -37.23 16.52
N GLY A 116 4.00 -36.72 17.42
CA GLY A 116 4.35 -35.30 17.42
C GLY A 116 5.11 -34.92 16.15
N TYR A 117 5.00 -33.65 15.76
CA TYR A 117 5.72 -33.14 14.59
C TYR A 117 7.18 -32.93 14.91
N TYR A 118 8.03 -33.14 13.91
CA TYR A 118 9.40 -32.64 14.00
C TYR A 118 9.41 -31.16 13.62
N ASN A 119 10.41 -30.43 14.10
CA ASN A 119 10.50 -28.98 13.87
C ASN A 119 11.10 -28.65 12.51
N TYR A 120 10.53 -27.67 11.83
CA TYR A 120 11.07 -27.19 10.54
C TYR A 120 11.92 -25.92 10.66
N HIS A 121 12.01 -25.38 11.88
CA HIS A 121 12.96 -24.31 12.22
C HIS A 121 12.62 -22.99 11.54
N TYR A 122 11.35 -22.68 11.51
CA TYR A 122 10.91 -21.31 11.21
C TYR A 122 9.53 -21.13 11.78
N MET A 123 9.11 -19.88 11.87
CA MET A 123 7.86 -19.56 12.56
C MET A 123 6.83 -19.25 11.50
N ASP A 124 5.67 -19.92 11.55
CA ASP A 124 4.71 -19.80 10.45
C ASP A 124 3.33 -19.26 10.81
N VAL A 125 3.07 -19.07 12.11
CA VAL A 125 1.84 -18.39 12.53
C VAL A 125 2.15 -17.51 13.72
N TRP A 126 1.63 -16.29 13.71
CA TRP A 126 1.86 -15.34 14.80
C TRP A 126 0.53 -14.79 15.27
N GLY A 127 0.40 -14.56 16.57
CA GLY A 127 -0.72 -13.76 17.05
C GLY A 127 -0.47 -12.29 16.73
N LYS A 128 -1.40 -11.42 17.10
CA LYS A 128 -1.22 -9.99 16.91
C LYS A 128 -0.42 -9.41 18.06
N GLY A 129 -0.30 -10.16 19.14
CA GLY A 129 0.53 -9.75 20.27
C GLY A 129 -0.25 -9.12 21.41
N THR A 130 0.33 -9.13 22.61
CA THR A 130 -0.25 -8.47 23.77
C THR A 130 0.80 -7.54 24.37
N THR A 131 0.40 -6.34 24.76
CA THR A 131 1.36 -5.36 25.25
C THR A 131 1.61 -5.49 26.75
N VAL A 132 2.88 -5.51 27.12
CA VAL A 132 3.26 -5.45 28.53
C VAL A 132 4.10 -4.20 28.74
N THR A 133 3.69 -3.36 29.69
CA THR A 133 4.45 -2.18 30.01
C THR A 133 4.82 -2.23 31.49
N VAL A 134 6.12 -2.23 31.78
CA VAL A 134 6.61 -2.32 33.16
C VAL A 134 7.26 -0.98 33.50
N SER A 135 6.70 -0.30 34.50
CA SER A 135 7.15 1.02 34.90
C SER A 135 6.87 1.31 36.36
N SER A 136 7.74 2.08 37.00
CA SER A 136 7.51 2.57 38.35
C SER A 136 6.46 3.70 38.38
N ALA A 137 6.11 4.26 37.23
CA ALA A 137 5.12 5.34 37.21
C ALA A 137 3.73 4.82 37.61
N SER A 138 2.85 5.73 38.06
CA SER A 138 1.44 5.38 38.22
C SER A 138 0.60 6.27 37.29
N THR A 139 -0.66 5.89 37.09
CA THR A 139 -1.52 6.61 36.16
C THR A 139 -1.55 8.12 36.48
N LYS A 140 -1.34 8.93 35.46
CA LYS A 140 -1.26 10.38 35.61
C LYS A 140 -1.72 11.06 34.31
N GLY A 141 -2.65 12.01 34.43
CA GLY A 141 -3.10 12.75 33.26
C GLY A 141 -2.13 13.84 32.89
N PRO A 142 -2.16 14.27 31.61
CA PRO A 142 -1.20 15.22 31.05
C PRO A 142 -1.48 16.67 31.46
N SER A 143 -0.44 17.49 31.38
CA SER A 143 -0.61 18.92 31.41
C SER A 143 -0.53 19.38 29.96
N VAL A 144 -1.41 20.29 29.56
CA VAL A 144 -1.44 20.70 28.15
C VAL A 144 -1.06 22.17 28.01
N PHE A 145 -0.05 22.44 27.18
CA PHE A 145 0.42 23.80 26.96
C PHE A 145 0.27 24.17 25.49
N PRO A 146 -0.05 25.44 25.21
CA PRO A 146 -0.20 25.86 23.82
C PRO A 146 1.14 26.12 23.17
N LEU A 147 1.22 25.87 21.86
CA LEU A 147 2.39 26.21 21.06
C LEU A 147 1.93 27.31 20.11
N ALA A 148 2.13 28.56 20.52
CA ALA A 148 1.53 29.69 19.85
C ALA A 148 2.23 29.96 18.51
N PRO A 149 1.44 30.32 17.48
CA PRO A 149 2.06 30.70 16.21
C PRO A 149 2.85 31.99 16.36
N SER A 150 4.04 32.05 15.79
CA SER A 150 4.88 33.24 15.87
C SER A 150 4.27 34.39 15.09
N GLY A 157 2.37 32.03 3.15
CA GLY A 157 1.44 32.69 4.05
C GLY A 157 0.84 31.72 5.04
N THR A 158 1.70 30.92 5.66
CA THR A 158 1.27 29.86 6.57
C THR A 158 1.86 30.05 7.96
N ALA A 159 1.19 29.48 8.96
CA ALA A 159 1.69 29.50 10.33
C ALA A 159 1.42 28.16 10.99
N ALA A 160 2.40 27.67 11.74
CA ALA A 160 2.24 26.45 12.49
C ALA A 160 1.90 26.79 13.93
N LEU A 161 1.00 26.00 14.50
CA LEU A 161 0.68 26.12 15.92
C LEU A 161 0.33 24.73 16.40
N GLY A 162 0.21 24.55 17.70
CA GLY A 162 -0.04 23.21 18.21
C GLY A 162 -0.27 23.16 19.69
N CYS A 163 -0.26 21.94 20.22
CA CYS A 163 -0.40 21.70 21.64
C CYS A 163 0.67 20.71 22.08
N LEU A 164 1.31 21.02 23.21
CA LEU A 164 2.26 20.14 23.86
C LEU A 164 1.55 19.39 24.97
N VAL A 165 1.51 18.07 24.85
CA VAL A 165 0.82 17.23 25.83
C VAL A 165 1.86 16.58 26.73
N LYS A 166 1.99 17.07 27.95
CA LYS A 166 3.16 16.77 28.76
C LYS A 166 2.91 15.89 29.98
N ASP A 167 3.84 14.97 30.20
CA ASP A 167 3.98 14.22 31.45
C ASP A 167 2.72 13.43 31.80
N TYR A 168 2.38 12.45 30.97
CA TYR A 168 1.28 11.54 31.28
C TYR A 168 1.75 10.08 31.31
N PHE A 169 0.91 9.24 31.88
CA PHE A 169 1.16 7.79 31.94
C PHE A 169 -0.15 7.09 32.22
N PRO A 170 -0.40 5.96 31.56
CA PRO A 170 0.41 5.36 30.50
C PRO A 170 -0.05 5.91 29.17
N GLU A 171 0.45 5.34 28.09
CA GLU A 171 -0.10 5.61 26.76
C GLU A 171 -1.48 4.96 26.67
N PRO A 172 -2.35 5.45 25.78
CA PRO A 172 -2.16 6.51 24.78
C PRO A 172 -2.93 7.78 25.11
N VAL A 173 -2.60 8.88 24.43
CA VAL A 173 -3.51 10.04 24.41
C VAL A 173 -3.98 10.22 22.97
N THR A 174 -5.18 10.76 22.81
CA THR A 174 -5.63 11.19 21.49
C THR A 174 -5.77 12.70 21.49
N VAL A 175 -5.58 13.30 20.31
CA VAL A 175 -5.73 14.74 20.15
C VAL A 175 -6.57 15.02 18.92
N SER A 176 -7.56 15.90 19.06
CA SER A 176 -8.24 16.45 17.88
C SER A 176 -8.15 17.96 17.95
N TRP A 177 -8.58 18.63 16.88
CA TRP A 177 -8.60 20.08 16.82
C TRP A 177 -10.00 20.55 16.49
N ASN A 178 -10.46 21.58 17.21
CA ASN A 178 -11.82 22.10 17.05
C ASN A 178 -12.86 20.99 17.01
N SER A 179 -12.78 20.11 18.00
CA SER A 179 -13.72 18.99 18.14
C SER A 179 -13.82 18.16 16.86
N GLY A 180 -12.71 18.06 16.13
CA GLY A 180 -12.65 17.24 14.94
C GLY A 180 -13.02 17.97 13.65
N ALA A 181 -13.41 19.23 13.76
CA ALA A 181 -13.76 19.99 12.55
C ALA A 181 -12.52 20.34 11.73
N LEU A 182 -11.37 20.42 12.39
CA LEU A 182 -10.14 20.83 11.73
C LEU A 182 -9.23 19.61 11.55
N THR A 183 -9.01 19.20 10.30
CA THR A 183 -8.18 18.03 10.04
C THR A 183 -7.11 18.28 8.98
N SER A 184 -7.27 19.35 8.20
CA SER A 184 -6.30 19.69 7.17
C SER A 184 -4.98 20.12 7.81
N GLY A 185 -3.89 19.48 7.39
CA GLY A 185 -2.57 19.87 7.82
C GLY A 185 -2.31 19.60 9.30
N VAL A 186 -3.05 18.68 9.90
CA VAL A 186 -2.81 18.31 11.29
C VAL A 186 -1.85 17.13 11.35
N HIS A 187 -0.93 17.16 12.31
CA HIS A 187 -0.04 16.01 12.52
C HIS A 187 0.21 15.84 14.00
N THR A 188 -0.22 14.70 14.52
CA THR A 188 -0.01 14.37 15.91
C THR A 188 1.15 13.39 15.96
N PHE A 189 2.14 13.70 16.78
CA PHE A 189 3.38 12.94 16.77
C PHE A 189 3.32 11.75 17.71
N PRO A 190 4.20 10.77 17.50
CA PRO A 190 4.37 9.69 18.48
C PRO A 190 4.89 10.26 19.80
N ALA A 191 4.61 9.58 20.89
CA ALA A 191 5.07 10.04 22.19
C ALA A 191 6.55 9.76 22.36
N VAL A 192 7.21 10.57 23.18
CA VAL A 192 8.54 10.24 23.68
C VAL A 192 8.39 9.79 25.13
N LEU A 193 9.25 8.88 25.57
CA LEU A 193 9.29 8.46 26.98
C LEU A 193 10.48 9.16 27.63
N GLN A 194 10.22 10.04 28.58
CA GLN A 194 11.27 10.83 29.22
C GLN A 194 11.96 10.05 30.34
N SER A 195 13.11 10.54 30.78
CA SER A 195 13.88 9.89 31.84
C SER A 195 13.04 9.78 33.12
N SER A 196 12.07 10.66 33.25
CA SER A 196 11.19 10.67 34.43
C SER A 196 10.23 9.48 34.46
N GLY A 197 10.08 8.79 33.32
CA GLY A 197 9.14 7.70 33.22
C GLY A 197 7.77 8.13 32.68
N LEU A 198 7.60 9.42 32.43
CA LEU A 198 6.34 9.91 31.89
C LEU A 198 6.46 10.20 30.39
N TYR A 199 5.36 10.08 29.67
CA TYR A 199 5.34 10.29 28.22
C TYR A 199 5.03 11.74 27.92
N SER A 200 5.41 12.20 26.73
CA SER A 200 4.97 13.51 26.24
C SER A 200 4.81 13.39 24.75
N LEU A 201 3.84 14.12 24.19
CA LEU A 201 3.76 14.25 22.73
C LEU A 201 3.32 15.65 22.34
N SER A 202 3.28 15.89 21.03
CA SER A 202 2.81 17.16 20.51
C SER A 202 1.90 16.90 19.34
N SER A 203 1.00 17.83 19.11
CA SER A 203 0.20 17.83 17.90
C SER A 203 0.30 19.20 17.29
N VAL A 204 0.40 19.28 15.96
CA VAL A 204 0.50 20.57 15.31
C VAL A 204 -0.40 20.66 14.09
N VAL A 205 -0.70 21.88 13.70
CA VAL A 205 -1.50 22.10 12.51
C VAL A 205 -0.95 23.30 11.80
N THR A 206 -0.98 23.25 10.47
CA THR A 206 -0.57 24.34 9.63
C THR A 206 -1.82 25.07 9.17
N VAL A 207 -1.86 26.39 9.38
CA VAL A 207 -3.06 27.17 9.09
C VAL A 207 -2.69 28.45 8.34
N PRO A 208 -3.65 29.03 7.60
CA PRO A 208 -3.37 30.31 6.94
C PRO A 208 -3.09 31.42 7.95
N SER A 209 -1.99 32.13 7.76
CA SER A 209 -1.63 33.24 8.66
C SER A 209 -2.76 34.25 8.76
N SER A 210 -3.49 34.45 7.66
CA SER A 210 -4.59 35.41 7.62
C SER A 210 -5.75 35.02 8.53
N SER A 211 -5.88 33.72 8.80
CA SER A 211 -7.01 33.20 9.58
C SER A 211 -6.79 33.40 11.07
N LEU A 212 -5.56 33.68 11.48
CA LEU A 212 -5.25 33.88 12.89
C LEU A 212 -5.96 35.14 13.38
N GLY A 213 -6.49 35.10 14.59
CA GLY A 213 -7.23 36.23 15.13
C GLY A 213 -8.65 36.31 14.61
N THR A 214 -8.95 35.58 13.54
CA THR A 214 -10.32 35.39 13.09
C THR A 214 -10.85 34.04 13.55
N GLN A 215 -10.10 32.98 13.25
CA GLN A 215 -10.51 31.62 13.58
C GLN A 215 -9.96 31.18 14.94
N THR A 216 -10.81 30.55 15.75
CA THR A 216 -10.38 29.97 17.01
C THR A 216 -9.76 28.59 16.78
N TYR A 217 -8.64 28.32 17.46
CA TYR A 217 -8.02 27.00 17.42
C TYR A 217 -7.91 26.42 18.82
N ILE A 218 -8.52 25.25 19.00
CA ILE A 218 -8.52 24.57 20.28
C ILE A 218 -8.15 23.11 20.07
N CYS A 219 -7.18 22.62 20.85
CA CYS A 219 -6.84 21.21 20.79
C CYS A 219 -7.57 20.49 21.89
N ASN A 220 -8.19 19.37 21.53
CA ASN A 220 -8.95 18.55 22.46
C ASN A 220 -8.14 17.32 22.79
N VAL A 221 -7.70 17.25 24.04
CA VAL A 221 -6.80 16.19 24.47
C VAL A 221 -7.54 15.22 25.37
N ASN A 222 -7.39 13.93 25.09
CA ASN A 222 -8.10 12.88 25.81
C ASN A 222 -7.13 11.79 26.28
N HIS A 223 -7.05 11.58 27.60
CA HIS A 223 -6.20 10.51 28.13
C HIS A 223 -7.10 9.54 28.90
N LYS A 224 -7.58 8.51 28.21
CA LYS A 224 -8.61 7.64 28.77
C LYS A 224 -8.16 6.94 30.07
N PRO A 225 -6.90 6.50 30.15
CA PRO A 225 -6.50 5.77 31.37
C PRO A 225 -6.68 6.59 32.65
N SER A 226 -6.60 7.91 32.57
CA SER A 226 -6.81 8.76 33.74
C SER A 226 -8.16 9.49 33.69
N ASN A 227 -8.99 9.16 32.70
CA ASN A 227 -10.27 9.83 32.52
C ASN A 227 -10.13 11.35 32.49
N THR A 228 -9.11 11.82 31.79
CA THR A 228 -8.83 13.25 31.69
C THR A 228 -9.15 13.75 30.29
N LYS A 229 -9.94 14.80 30.23
CA LYS A 229 -10.22 15.51 28.97
C LYS A 229 -9.84 16.97 29.15
N VAL A 230 -9.02 17.50 28.26
CA VAL A 230 -8.61 18.89 28.36
C VAL A 230 -8.80 19.59 27.01
N ASP A 231 -9.39 20.77 27.04
CA ASP A 231 -9.45 21.60 25.84
C ASP A 231 -8.57 22.83 26.05
N LYS A 232 -7.63 23.05 25.15
CA LYS A 232 -6.73 24.22 25.26
C LYS A 232 -6.84 25.10 24.04
N LYS A 233 -7.20 26.36 24.26
CA LYS A 233 -7.24 27.35 23.19
C LYS A 233 -5.82 27.80 22.88
N VAL A 234 -5.47 27.84 21.60
CA VAL A 234 -4.11 28.21 21.21
C VAL A 234 -4.17 29.49 20.37
N GLU A 235 -3.58 30.56 20.87
CA GLU A 235 -3.65 31.85 20.18
C GLU A 235 -2.29 32.57 20.13
N PRO A 236 -2.19 33.59 19.25
CA PRO A 236 -0.97 34.36 19.04
C PRO A 236 -0.35 34.88 20.32
N SER B 2 23.32 -14.18 22.20
CA SER B 2 24.09 -13.19 21.39
C SER B 2 23.48 -13.02 19.99
N ALA B 3 22.88 -11.86 19.79
CA ALA B 3 22.08 -11.60 18.61
C ALA B 3 22.94 -11.75 17.35
N LEU B 4 22.33 -12.20 16.26
CA LEU B 4 23.06 -12.27 15.00
C LEU B 4 23.27 -10.85 14.46
N THR B 5 24.41 -10.59 13.83
CA THR B 5 24.75 -9.22 13.43
C THR B 5 24.14 -8.89 12.06
N GLN B 6 23.35 -7.82 11.99
CA GLN B 6 22.82 -7.33 10.70
C GLN B 6 23.11 -5.85 10.53
N PRO B 7 23.17 -5.38 9.27
CA PRO B 7 23.33 -3.93 9.09
C PRO B 7 22.10 -3.18 9.61
N ALA B 8 22.29 -1.99 10.17
CA ALA B 8 21.15 -1.24 10.70
C ALA B 8 20.18 -0.86 9.58
N SER B 9 20.71 -0.51 8.40
CA SER B 9 19.82 -0.05 7.34
C SER B 9 20.40 -0.29 5.94
N VAL B 10 19.50 -0.54 5.00
CA VAL B 10 19.87 -0.57 3.60
C VAL B 10 18.79 0.18 2.81
N SER B 11 19.15 0.63 1.62
CA SER B 11 18.18 1.34 0.80
C SER B 11 18.50 1.17 -0.66
N GLY B 12 17.45 1.18 -1.47
CA GLY B 12 17.62 1.08 -2.92
C GLY B 12 16.45 1.66 -3.66
N SER B 13 16.64 1.96 -4.94
CA SER B 13 15.59 2.46 -5.80
C SER B 13 14.74 1.31 -6.32
N PRO B 14 13.47 1.57 -6.65
CA PRO B 14 12.64 0.54 -7.29
C PRO B 14 13.35 -0.10 -8.49
N GLY B 15 13.27 -1.42 -8.57
CA GLY B 15 13.84 -2.13 -9.69
C GLY B 15 15.25 -2.62 -9.37
N GLN B 16 15.88 -2.05 -8.36
CA GLN B 16 17.26 -2.45 -8.01
C GLN B 16 17.28 -3.69 -7.11
N SER B 17 18.47 -4.24 -6.91
CA SER B 17 18.63 -5.37 -5.99
C SER B 17 19.35 -4.91 -4.74
N ILE B 18 18.99 -5.48 -3.60
CA ILE B 18 19.72 -5.21 -2.38
C ILE B 18 19.93 -6.52 -1.66
N THR B 19 20.92 -6.54 -0.77
CA THR B 19 21.24 -7.77 -0.05
C THR B 19 21.51 -7.41 1.41
N ILE B 20 20.99 -8.23 2.32
CA ILE B 20 21.12 -7.97 3.75
C ILE B 20 21.85 -9.16 4.35
N SER B 21 22.91 -8.90 5.09
CA SER B 21 23.71 -9.98 5.67
C SER B 21 23.29 -10.26 7.12
N CYS B 22 23.68 -11.45 7.59
CA CYS B 22 23.29 -11.94 8.90
C CYS B 22 24.44 -12.79 9.40
N GLN B 23 25.26 -12.25 10.30
CA GLN B 23 26.48 -12.91 10.72
C GLN B 23 26.33 -13.60 12.07
N GLY B 24 26.62 -14.89 12.12
CA GLY B 24 26.52 -15.65 13.36
C GLY B 24 27.80 -16.36 13.69
N THR B 25 27.68 -17.53 14.32
CA THR B 25 28.84 -18.35 14.68
C THR B 25 28.66 -19.76 14.16
N SER B 26 29.68 -20.60 14.35
CA SER B 26 29.60 -21.99 13.91
C SER B 26 28.57 -22.80 14.72
N ASN B 27 28.13 -22.26 15.86
CA ASN B 27 27.10 -22.91 16.67
C ASN B 27 25.66 -22.48 16.36
N ASP B 28 25.49 -21.64 15.34
CA ASP B 28 24.14 -21.27 14.91
C ASP B 28 24.08 -21.14 13.38
N VAL B 29 24.28 -19.94 12.86
CA VAL B 29 24.25 -19.75 11.40
C VAL B 29 25.12 -20.77 10.68
N GLY B 30 26.36 -20.93 11.13
CA GLY B 30 27.30 -21.79 10.46
C GLY B 30 27.15 -23.27 10.78
N GLY B 31 26.28 -23.61 11.74
CA GLY B 31 26.20 -24.99 12.19
C GLY B 31 25.00 -25.79 11.68
N TYR B 32 24.04 -25.11 11.06
CA TYR B 32 22.80 -25.70 10.59
C TYR B 32 22.37 -25.04 9.30
N GLU B 33 21.53 -25.71 8.51
CA GLU B 33 20.92 -25.09 7.34
C GLU B 33 19.54 -24.56 7.75
N SER B 34 19.51 -23.71 8.78
CA SER B 34 18.25 -23.36 9.42
C SER B 34 18.18 -21.88 9.72
N VAL B 35 18.53 -21.07 8.72
CA VAL B 35 18.38 -19.63 8.84
C VAL B 35 17.07 -19.28 8.18
N SER B 36 16.25 -18.49 8.86
CA SER B 36 15.03 -17.99 8.23
C SER B 36 15.02 -16.46 8.33
N TRP B 37 14.20 -15.85 7.48
CA TRP B 37 14.11 -14.39 7.39
C TRP B 37 12.65 -13.94 7.48
N TYR B 38 12.43 -12.81 8.15
CA TYR B 38 11.09 -12.31 8.42
C TYR B 38 11.01 -10.85 7.97
N GLN B 39 9.91 -10.52 7.30
CA GLN B 39 9.62 -9.14 6.93
C GLN B 39 8.57 -8.60 7.91
N GLN B 40 8.79 -7.38 8.40
CA GLN B 40 7.82 -6.76 9.31
C GLN B 40 7.48 -5.34 8.89
N HIS B 41 6.17 -5.12 8.74
CA HIS B 41 5.64 -3.81 8.44
C HIS B 41 5.12 -3.23 9.75
N PRO B 42 5.06 -1.89 9.83
CA PRO B 42 4.62 -1.20 11.04
C PRO B 42 3.30 -1.73 11.58
N GLY B 43 3.26 -2.03 12.87
CA GLY B 43 2.03 -2.41 13.55
C GLY B 43 1.55 -3.82 13.27
N LYS B 44 2.39 -4.62 12.62
CA LYS B 44 2.04 -5.99 12.27
C LYS B 44 3.05 -6.97 12.81
N ALA B 45 2.64 -8.23 12.95
CA ALA B 45 3.55 -9.31 13.23
C ALA B 45 4.46 -9.51 12.01
N PRO B 46 5.68 -9.98 12.25
CA PRO B 46 6.59 -10.37 11.15
C PRO B 46 6.01 -11.56 10.38
N LYS B 47 6.50 -11.75 9.17
CA LYS B 47 6.03 -12.80 8.29
C LYS B 47 7.24 -13.41 7.61
N VAL B 48 7.33 -14.73 7.62
CA VAL B 48 8.51 -15.39 7.06
C VAL B 48 8.56 -15.19 5.54
N VAL B 49 9.73 -14.89 4.99
CA VAL B 49 9.89 -14.83 3.53
C VAL B 49 10.92 -15.84 3.02
N ILE B 50 11.82 -16.31 3.90
CA ILE B 50 12.77 -17.38 3.53
C ILE B 50 12.99 -18.30 4.73
N TYR B 51 13.08 -19.60 4.49
CA TYR B 51 13.52 -20.50 5.57
C TYR B 51 14.52 -21.52 5.02
N ASP B 52 15.12 -22.29 5.93
CA ASP B 52 16.14 -23.26 5.57
C ASP B 52 17.17 -22.64 4.60
N VAL B 53 17.58 -21.41 4.91
CA VAL B 53 18.58 -20.66 4.15
C VAL B 53 18.08 -20.06 2.82
N SER B 54 17.41 -20.87 1.99
CA SER B 54 17.13 -20.48 0.62
C SER B 54 15.74 -20.86 0.11
N LYS B 55 14.89 -21.44 0.97
CA LYS B 55 13.59 -21.90 0.50
C LYS B 55 12.56 -20.80 0.71
N ARG B 56 11.62 -20.69 -0.21
CA ARG B 56 10.52 -19.71 -0.09
C ARG B 56 9.23 -20.40 0.38
N PRO B 57 8.59 -19.85 1.40
CA PRO B 57 7.23 -20.31 1.75
C PRO B 57 6.32 -20.14 0.56
N SER B 58 5.25 -20.93 0.49
CA SER B 58 4.32 -20.85 -0.62
C SER B 58 3.74 -19.43 -0.70
N GLY B 59 3.65 -18.89 -1.91
CA GLY B 59 3.07 -17.57 -2.12
C GLY B 59 4.06 -16.42 -2.10
N VAL B 60 5.24 -16.65 -1.54
CA VAL B 60 6.28 -15.62 -1.48
C VAL B 60 6.94 -15.39 -2.84
N SER B 61 7.08 -14.12 -3.21
CA SER B 61 7.62 -13.75 -4.50
C SER B 61 9.00 -14.36 -4.79
N ASN B 62 9.18 -14.80 -6.02
CA ASN B 62 10.47 -15.31 -6.47
C ASN B 62 11.60 -14.28 -6.43
N ARG B 63 11.27 -13.00 -6.23
CA ARG B 63 12.27 -11.95 -6.09
C ARG B 63 13.07 -12.07 -4.79
N PHE B 64 12.59 -12.89 -3.87
CA PHE B 64 13.28 -13.07 -2.58
C PHE B 64 14.14 -14.33 -2.68
N SER B 65 15.41 -14.24 -2.34
CA SER B 65 16.28 -15.43 -2.33
C SER B 65 17.24 -15.36 -1.16
N GLY B 66 17.82 -16.51 -0.80
CA GLY B 66 18.67 -16.57 0.37
C GLY B 66 19.88 -17.45 0.09
N SER B 67 20.98 -17.15 0.76
CA SER B 67 22.17 -18.00 0.64
C SER B 67 22.96 -17.91 1.94
N LYS B 68 23.99 -18.74 2.03
CA LYS B 68 24.84 -18.75 3.21
C LYS B 68 26.24 -19.24 2.81
N SER B 69 27.26 -18.64 3.41
CA SER B 69 28.62 -19.10 3.24
C SER B 69 29.30 -18.96 4.58
N GLY B 70 29.84 -20.06 5.11
CA GLY B 70 30.43 -20.05 6.42
C GLY B 70 29.44 -19.56 7.45
N ASN B 71 29.84 -18.58 8.25
CA ASN B 71 29.00 -18.13 9.37
C ASN B 71 28.13 -16.92 9.04
N THR B 72 27.97 -16.63 7.75
CA THR B 72 27.17 -15.49 7.31
C THR B 72 26.11 -15.87 6.29
N ALA B 73 24.86 -15.55 6.61
CA ALA B 73 23.75 -15.79 5.70
C ALA B 73 23.32 -14.46 5.07
N SER B 74 22.69 -14.54 3.90
CA SER B 74 22.26 -13.32 3.20
C SER B 74 20.87 -13.46 2.60
N LEU B 75 20.11 -12.37 2.66
CA LEU B 75 18.84 -12.29 1.96
C LEU B 75 18.99 -11.29 0.81
N THR B 76 18.62 -11.70 -0.39
CA THR B 76 18.64 -10.76 -1.53
C THR B 76 17.24 -10.52 -2.02
N ILE B 77 16.92 -9.25 -2.27
CA ILE B 77 15.62 -8.90 -2.85
C ILE B 77 15.92 -8.21 -4.16
N SER B 78 15.44 -8.78 -5.26
CA SER B 78 15.69 -8.23 -6.56
C SER B 78 14.43 -7.50 -7.01
N GLY B 79 14.57 -6.60 -7.99
CA GLY B 79 13.43 -5.88 -8.55
C GLY B 79 12.62 -5.17 -7.48
N LEU B 80 13.28 -4.39 -6.63
CA LEU B 80 12.62 -3.79 -5.48
C LEU B 80 11.30 -3.12 -5.86
N GLN B 81 10.31 -3.34 -5.00
CA GLN B 81 9.01 -2.72 -5.12
C GLN B 81 8.70 -1.95 -3.83
N ALA B 82 7.82 -0.96 -3.93
CA ALA B 82 7.48 -0.14 -2.76
C ALA B 82 7.11 -1.01 -1.55
N GLU B 83 6.35 -2.07 -1.80
CA GLU B 83 5.86 -2.92 -0.70
C GLU B 83 6.94 -3.74 0.01
N ASP B 84 8.17 -3.74 -0.50
CA ASP B 84 9.27 -4.42 0.17
C ASP B 84 9.80 -3.61 1.35
N GLU B 85 9.45 -2.34 1.41
CA GLU B 85 9.95 -1.49 2.48
C GLU B 85 9.48 -2.04 3.81
N GLY B 86 10.36 -2.09 4.79
CA GLY B 86 9.98 -2.61 6.10
C GLY B 86 11.22 -3.08 6.82
N ASP B 87 11.06 -3.76 7.96
CA ASP B 87 12.20 -4.24 8.71
C ASP B 87 12.37 -5.73 8.48
N TYR B 88 13.61 -6.17 8.35
CA TYR B 88 13.93 -7.57 8.08
C TYR B 88 14.82 -8.14 9.16
N TYR B 89 14.47 -9.34 9.63
CA TYR B 89 15.18 -10.01 10.73
C TYR B 89 15.55 -11.42 10.29
N CYS B 90 16.81 -11.81 10.48
CA CYS B 90 17.21 -13.20 10.33
C CYS B 90 17.02 -13.92 11.67
N LYS B 91 16.96 -15.24 11.60
CA LYS B 91 16.84 -16.12 12.78
C LYS B 91 17.57 -17.42 12.48
N SER B 92 18.18 -17.99 13.51
CA SER B 92 18.80 -19.30 13.36
C SER B 92 18.53 -20.19 14.55
N LEU B 93 18.43 -21.48 14.26
CA LEU B 93 18.52 -22.52 15.28
C LEU B 93 19.92 -22.41 15.88
N THR B 94 20.07 -22.79 17.15
CA THR B 94 21.40 -22.86 17.77
C THR B 94 21.70 -24.27 18.27
N SER B 95 22.95 -24.46 18.69
CA SER B 95 23.42 -25.78 19.05
C SER B 95 22.80 -26.27 20.37
N THR B 96 22.16 -25.37 21.10
CA THR B 96 21.48 -25.77 22.33
C THR B 96 19.98 -25.87 22.15
N ARG B 97 19.55 -25.87 20.89
CA ARG B 97 18.13 -25.93 20.51
C ARG B 97 17.36 -24.65 20.82
N ARG B 98 18.06 -23.62 21.24
CA ARG B 98 17.43 -22.31 21.36
C ARG B 98 17.30 -21.73 19.95
N ARG B 99 16.64 -20.58 19.84
CA ARG B 99 16.66 -19.82 18.59
C ARG B 99 17.25 -18.45 18.90
N VAL B 100 17.71 -17.74 17.87
CA VAL B 100 18.23 -16.40 18.05
C VAL B 100 17.99 -15.52 16.82
N PHE B 101 17.46 -14.31 17.04
CA PHE B 101 17.23 -13.35 15.94
C PHE B 101 18.45 -12.47 15.74
N GLY B 102 18.60 -11.97 14.51
CA GLY B 102 19.54 -10.89 14.24
C GLY B 102 19.00 -9.55 14.74
N THR B 103 19.86 -8.54 14.72
CA THR B 103 19.53 -7.22 15.26
C THR B 103 18.53 -6.42 14.40
N GLY B 104 18.23 -6.93 13.20
CA GLY B 104 17.22 -6.31 12.34
C GLY B 104 17.78 -5.28 11.37
N THR B 105 17.17 -5.19 10.20
CA THR B 105 17.59 -4.22 9.20
C THR B 105 16.38 -3.43 8.66
N LYS B 106 16.49 -2.12 8.66
CA LYS B 106 15.45 -1.29 8.06
C LYS B 106 15.76 -1.10 6.57
N LEU B 107 14.85 -1.57 5.73
CA LEU B 107 15.00 -1.41 4.29
C LEU B 107 14.11 -0.28 3.84
N THR B 108 14.72 0.70 3.17
CA THR B 108 13.99 1.83 2.59
C THR B 108 13.99 1.67 1.06
N VAL B 109 12.81 1.76 0.44
CA VAL B 109 12.71 1.78 -1.02
C VAL B 109 12.46 3.22 -1.42
N LEU B 110 13.41 3.81 -2.12
CA LEU B 110 13.36 5.23 -2.38
C LEU B 110 12.38 5.52 -3.52
N GLY B 111 11.15 5.85 -3.15
CA GLY B 111 10.06 5.94 -4.11
C GLY B 111 9.66 7.34 -4.50
N GLN B 112 10.36 8.34 -3.98
CA GLN B 112 10.10 9.70 -4.39
C GLN B 112 11.35 10.52 -4.19
N PRO B 113 11.40 11.71 -4.82
CA PRO B 113 12.60 12.54 -4.73
C PRO B 113 12.91 13.01 -3.32
N LYS B 114 14.18 13.28 -3.08
CA LYS B 114 14.63 13.79 -1.80
C LYS B 114 13.96 15.13 -1.52
N ALA B 115 13.58 15.36 -0.28
CA ALA B 115 12.95 16.63 0.08
C ALA B 115 13.46 17.11 1.45
N ALA B 116 13.90 18.36 1.49
CA ALA B 116 14.51 18.91 2.69
C ALA B 116 13.45 19.26 3.74
N PRO B 117 13.79 19.07 5.02
CA PRO B 117 12.83 19.34 6.09
C PRO B 117 12.53 20.83 6.27
N SER B 118 11.30 21.12 6.62
CA SER B 118 10.93 22.42 7.14
C SER B 118 11.06 22.30 8.66
N VAL B 119 11.50 23.37 9.32
CA VAL B 119 11.72 23.32 10.76
C VAL B 119 11.04 24.51 11.43
N THR B 120 10.28 24.22 12.47
CA THR B 120 9.69 25.25 13.32
C THR B 120 10.09 24.98 14.76
N LEU B 121 10.65 26.00 15.43
CA LEU B 121 11.08 25.85 16.81
C LEU B 121 10.22 26.73 17.70
N PHE B 122 9.56 26.12 18.69
CA PHE B 122 8.71 26.86 19.62
C PHE B 122 9.43 27.11 20.93
N PRO B 123 9.34 28.33 21.45
CA PRO B 123 9.83 28.59 22.81
C PRO B 123 8.84 28.05 23.84
N PRO B 124 9.23 28.06 25.12
CA PRO B 124 8.31 27.67 26.20
C PRO B 124 7.09 28.59 26.23
N SER B 125 5.92 28.04 26.51
CA SER B 125 4.73 28.88 26.67
C SER B 125 4.78 29.60 28.01
N SER B 126 4.06 30.70 28.13
CA SER B 126 4.00 31.44 29.38
C SER B 126 3.40 30.55 30.46
N GLU B 127 2.40 29.76 30.08
CA GLU B 127 1.77 28.82 30.99
C GLU B 127 2.77 27.83 31.59
N GLU B 128 3.70 27.34 30.78
CA GLU B 128 4.68 26.36 31.28
C GLU B 128 5.71 27.01 32.21
N LEU B 129 6.19 28.19 31.83
CA LEU B 129 7.10 28.96 32.69
C LEU B 129 6.44 29.29 34.03
N GLN B 130 5.14 29.55 33.99
CA GLN B 130 4.40 29.86 35.21
C GLN B 130 4.20 28.62 36.06
N ALA B 131 4.45 27.46 35.47
CA ALA B 131 4.41 26.20 36.19
C ALA B 131 5.83 25.78 36.58
N ASN B 132 6.77 26.70 36.43
CA ASN B 132 8.16 26.48 36.83
C ASN B 132 8.87 25.41 35.99
N LYS B 133 8.43 25.26 34.74
CA LYS B 133 9.05 24.31 33.82
C LYS B 133 9.30 24.98 32.47
N ALA B 134 10.08 24.34 31.61
CA ALA B 134 10.38 24.91 30.30
C ALA B 134 10.77 23.82 29.29
N THR B 135 10.13 23.85 28.13
CA THR B 135 10.40 22.89 27.07
C THR B 135 10.47 23.64 25.74
N LEU B 136 11.54 23.41 24.97
CA LEU B 136 11.62 23.91 23.61
C LEU B 136 11.11 22.79 22.71
N VAL B 137 10.34 23.13 21.69
CA VAL B 137 9.76 22.12 20.83
C VAL B 137 10.24 22.35 19.42
N CYS B 138 10.96 21.37 18.87
CA CYS B 138 11.46 21.47 17.51
C CYS B 138 10.65 20.57 16.61
N LEU B 139 9.90 21.17 15.68
CA LEU B 139 9.02 20.39 14.83
C LEU B 139 9.54 20.37 13.40
N ILE B 140 9.67 19.16 12.88
CA ILE B 140 10.37 18.95 11.61
C ILE B 140 9.43 18.29 10.63
N SER B 141 9.26 18.86 9.44
CA SER B 141 8.21 18.38 8.55
C SER B 141 8.58 18.35 7.06
N ASP B 142 7.76 17.64 6.29
CA ASP B 142 7.87 17.58 4.83
C ASP B 142 9.23 17.14 4.29
N PHE B 143 9.88 16.17 4.94
CA PHE B 143 11.14 15.68 4.38
C PHE B 143 11.06 14.24 3.87
N TYR B 144 12.02 13.89 3.00
CA TYR B 144 12.16 12.53 2.51
C TYR B 144 13.60 12.33 2.06
N PRO B 145 14.20 11.16 2.34
CA PRO B 145 13.66 10.01 3.06
C PRO B 145 13.45 10.31 4.53
N GLY B 146 12.77 9.41 5.22
CA GLY B 146 12.39 9.63 6.61
C GLY B 146 13.48 9.31 7.62
N ALA B 147 14.57 10.08 7.58
CA ALA B 147 15.61 9.98 8.60
C ALA B 147 16.30 11.33 8.77
N VAL B 148 16.49 11.73 10.03
CA VAL B 148 17.16 12.99 10.34
C VAL B 148 18.02 12.85 11.59
N THR B 149 18.97 13.77 11.72
CA THR B 149 19.73 13.92 12.95
C THR B 149 19.37 15.28 13.54
N VAL B 150 19.27 15.35 14.86
CA VAL B 150 18.96 16.61 15.52
C VAL B 150 20.03 16.96 16.54
N ALA B 151 20.47 18.22 16.52
CA ALA B 151 21.42 18.72 17.50
C ALA B 151 20.90 20.02 18.10
N TRP B 152 21.00 20.13 19.43
CA TRP B 152 20.57 21.34 20.13
C TRP B 152 21.79 22.11 20.59
N LYS B 153 21.66 23.43 20.62
CA LYS B 153 22.74 24.29 21.07
C LYS B 153 22.23 25.38 22.00
N ALA B 154 22.97 25.59 23.09
CA ALA B 154 22.72 26.72 23.99
C ALA B 154 23.74 27.79 23.63
N ASP B 155 23.26 28.91 23.08
CA ASP B 155 24.11 29.80 22.31
C ASP B 155 24.70 28.95 21.18
N SER B 156 26.02 28.77 21.17
CA SER B 156 26.65 27.94 20.15
C SER B 156 27.29 26.67 20.74
N SER B 157 26.99 26.38 21.99
CA SER B 157 27.54 25.20 22.66
C SER B 157 26.55 24.04 22.62
N PRO B 158 27.03 22.84 22.26
CA PRO B 158 26.13 21.67 22.18
C PRO B 158 25.48 21.32 23.52
N VAL B 159 24.22 20.91 23.47
CA VAL B 159 23.48 20.49 24.65
C VAL B 159 22.89 19.10 24.40
N LYS B 160 23.22 18.13 25.24
CA LYS B 160 22.76 16.76 25.01
C LYS B 160 21.81 16.26 26.09
N ALA B 161 21.83 16.89 27.26
CA ALA B 161 20.95 16.52 28.36
C ALA B 161 19.54 17.05 28.12
N GLY B 162 18.56 16.35 28.66
CA GLY B 162 17.17 16.75 28.56
C GLY B 162 16.62 16.76 27.13
N VAL B 163 17.24 15.99 26.25
CA VAL B 163 16.80 15.90 24.85
C VAL B 163 16.03 14.60 24.58
N GLU B 164 14.91 14.72 23.90
CA GLU B 164 14.18 13.53 23.42
C GLU B 164 13.65 13.81 22.02
N THR B 165 13.74 12.81 21.14
CA THR B 165 13.44 12.98 19.71
C THR B 165 12.64 11.79 19.20
N THR B 166 11.64 12.03 18.35
CA THR B 166 10.86 10.92 17.83
C THR B 166 11.46 10.39 16.53
N THR B 167 11.18 9.12 16.25
CA THR B 167 11.50 8.53 14.96
C THR B 167 10.53 9.12 13.94
N PRO B 168 11.02 9.51 12.75
CA PRO B 168 10.15 10.15 11.77
C PRO B 168 8.86 9.38 11.48
N SER B 169 7.76 10.12 11.37
CA SER B 169 6.44 9.53 11.15
C SER B 169 5.88 10.04 9.82
N LYS B 170 5.17 9.17 9.11
CA LYS B 170 4.63 9.51 7.81
C LYS B 170 3.49 10.52 7.93
N GLN B 171 3.58 11.61 7.16
CA GLN B 171 2.49 12.58 7.05
C GLN B 171 1.42 12.08 6.07
N SER B 172 0.26 12.72 6.09
CA SER B 172 -0.83 12.34 5.20
C SER B 172 -0.43 12.55 3.74
N ASN B 173 0.54 13.42 3.50
CA ASN B 173 1.00 13.68 2.15
C ASN B 173 2.15 12.76 1.75
N ASN B 174 2.46 11.81 2.63
CA ASN B 174 3.45 10.76 2.35
C ASN B 174 4.92 11.16 2.52
N LYS B 175 5.17 12.41 2.89
CA LYS B 175 6.50 12.79 3.33
C LYS B 175 6.58 12.51 4.83
N TYR B 176 7.68 12.89 5.46
CA TYR B 176 7.89 12.57 6.85
C TYR B 176 8.03 13.80 7.74
N ALA B 177 7.66 13.63 9.02
CA ALA B 177 7.83 14.65 10.02
C ALA B 177 8.45 14.00 11.25
N ALA B 178 9.07 14.79 12.10
CA ALA B 178 9.55 14.28 13.39
C ALA B 178 9.57 15.42 14.39
N SER B 179 9.80 15.10 15.65
CA SER B 179 9.80 16.13 16.70
C SER B 179 10.99 15.92 17.64
N SER B 180 11.48 17.02 18.20
CA SER B 180 12.50 16.94 19.24
C SER B 180 12.16 17.92 20.35
N TYR B 181 12.50 17.55 21.58
CA TYR B 181 12.17 18.35 22.76
C TYR B 181 13.44 18.59 23.58
N LEU B 182 13.59 19.82 24.06
CA LEU B 182 14.66 20.12 25.00
C LEU B 182 14.06 20.65 26.29
N SER B 183 14.21 19.89 27.37
CA SER B 183 13.71 20.34 28.66
C SER B 183 14.79 21.12 29.39
N LEU B 184 14.39 22.28 29.91
CA LEU B 184 15.27 23.13 30.69
C LEU B 184 14.51 23.67 31.89
N THR B 185 15.22 24.12 32.90
CA THR B 185 14.61 24.91 33.96
C THR B 185 14.41 26.32 33.42
N PRO B 186 13.48 27.07 34.01
CA PRO B 186 13.26 28.47 33.63
C PRO B 186 14.54 29.30 33.77
N GLU B 187 15.37 28.97 34.75
CA GLU B 187 16.62 29.70 34.97
C GLU B 187 17.58 29.52 33.80
N GLN B 188 17.68 28.30 33.29
CA GLN B 188 18.52 28.02 32.14
C GLN B 188 18.02 28.77 30.91
N TRP B 189 16.72 28.70 30.68
CA TRP B 189 16.09 29.36 29.53
C TRP B 189 16.37 30.86 29.52
N LYS B 190 16.29 31.51 30.68
CA LYS B 190 16.48 32.95 30.75
C LYS B 190 17.95 33.37 30.74
N SER B 191 18.85 32.44 31.06
CA SER B 191 20.26 32.79 31.23
C SER B 191 21.02 32.83 29.92
N HIS B 192 20.61 32.00 28.97
CA HIS B 192 21.31 31.94 27.69
C HIS B 192 20.77 32.95 26.69
N LYS B 193 21.62 33.34 25.76
CA LYS B 193 21.29 34.35 24.77
C LYS B 193 20.33 33.79 23.73
N SER B 194 20.50 32.52 23.37
CA SER B 194 19.62 31.89 22.39
C SER B 194 19.81 30.38 22.37
N TYR B 195 18.79 29.67 21.88
CA TYR B 195 18.85 28.22 21.69
C TYR B 195 18.61 27.89 20.22
N SER B 196 19.28 26.86 19.73
CA SER B 196 19.14 26.45 18.34
C SER B 196 18.82 24.97 18.25
N CYS B 197 17.95 24.63 17.30
CA CYS B 197 17.68 23.25 16.93
C CYS B 197 18.20 23.08 15.51
N GLN B 198 19.13 22.17 15.31
CA GLN B 198 19.73 21.99 14.00
C GLN B 198 19.42 20.59 13.49
N VAL B 199 18.79 20.54 12.33
CA VAL B 199 18.33 19.28 11.76
C VAL B 199 19.16 18.93 10.55
N THR B 200 19.85 17.80 10.60
CA THR B 200 20.66 17.37 9.47
C THR B 200 19.92 16.28 8.71
N HIS B 201 19.76 16.49 7.41
CA HIS B 201 19.04 15.56 6.55
C HIS B 201 19.88 15.35 5.28
N GLU B 202 20.29 14.12 5.04
CA GLU B 202 21.05 13.82 3.83
C GLU B 202 22.23 14.78 3.67
N GLY B 203 22.96 14.99 4.76
CA GLY B 203 24.18 15.80 4.73
C GLY B 203 23.96 17.30 4.67
N SER B 204 22.72 17.77 4.75
CA SER B 204 22.44 19.21 4.71
C SER B 204 21.71 19.63 5.97
N THR B 205 22.06 20.79 6.51
CA THR B 205 21.55 21.20 7.81
C THR B 205 20.56 22.37 7.71
N VAL B 206 19.44 22.24 8.42
CA VAL B 206 18.48 23.34 8.53
C VAL B 206 18.36 23.72 10.01
N GLU B 207 18.45 25.01 10.29
CA GLU B 207 18.48 25.47 11.67
C GLU B 207 17.46 26.56 11.95
N LYS B 208 16.86 26.49 13.14
CA LYS B 208 16.04 27.57 13.67
C LYS B 208 16.52 27.94 15.07
N THR B 209 16.28 29.19 15.46
CA THR B 209 16.75 29.68 16.75
C THR B 209 15.66 30.48 17.43
N VAL B 210 15.69 30.49 18.76
CA VAL B 210 14.74 31.26 19.56
C VAL B 210 15.46 31.89 20.74
N ALA B 211 14.96 33.03 21.21
CA ALA B 211 15.56 33.71 22.35
C ALA B 211 14.48 34.21 23.31
N PRO B 212 14.80 34.22 24.61
CA PRO B 212 13.89 34.74 25.65
C PRO B 212 13.33 36.12 25.33
N THR C 3 16.98 -76.99 9.79
CA THR C 3 16.06 -75.90 10.14
C THR C 3 16.75 -74.57 9.92
N PHE C 4 15.97 -73.61 9.42
CA PHE C 4 16.44 -72.24 9.22
C PHE C 4 15.67 -71.34 10.16
N LYS C 5 16.12 -70.11 10.31
CA LYS C 5 15.48 -69.18 11.23
C LYS C 5 15.44 -67.79 10.67
N LEU C 6 14.45 -67.04 11.12
CA LEU C 6 14.24 -65.65 10.73
C LEU C 6 14.37 -64.72 11.93
N ALA C 7 15.43 -63.91 11.91
CA ALA C 7 15.60 -62.88 12.92
C ALA C 7 15.02 -61.57 12.42
N ALA C 8 13.88 -61.16 12.97
CA ALA C 8 13.30 -59.86 12.66
C ALA C 8 13.89 -58.83 13.61
N CYS C 9 14.53 -57.80 13.05
CA CYS C 9 15.31 -56.87 13.86
C CYS C 9 14.92 -55.41 13.63
N VAL C 10 15.07 -54.62 14.68
CA VAL C 10 14.83 -53.19 14.58
C VAL C 10 16.02 -52.50 15.20
N THR C 11 16.36 -51.32 14.69
CA THR C 11 17.50 -50.58 15.20
C THR C 11 17.05 -49.66 16.32
N LEU C 12 17.82 -49.66 17.41
CA LEU C 12 17.52 -48.85 18.58
C LEU C 12 18.58 -47.79 18.78
N ALA C 13 18.16 -46.62 19.25
CA ALA C 13 19.09 -45.61 19.72
C ALA C 13 18.89 -45.47 21.21
N CYS C 14 19.98 -45.59 21.98
CA CYS C 14 19.90 -45.55 23.43
C CYS C 14 20.84 -44.50 24.03
N THR C 15 20.42 -43.89 25.14
CA THR C 15 21.25 -42.93 25.85
C THR C 15 21.54 -43.44 27.25
N ARG C 26 19.37 -48.44 37.56
CA ARG C 26 19.90 -48.06 36.26
C ARG C 26 18.80 -48.10 35.21
N VAL C 27 18.38 -46.93 34.75
CA VAL C 27 17.35 -46.85 33.70
C VAL C 27 17.99 -46.47 32.38
N LYS C 28 17.59 -47.15 31.32
CA LYS C 28 18.15 -46.92 29.98
C LYS C 28 17.07 -46.42 29.04
N HIS C 29 17.27 -45.24 28.46
CA HIS C 29 16.30 -44.63 27.58
C HIS C 29 16.64 -44.91 26.13
N CYS C 30 15.67 -45.43 25.39
CA CYS C 30 15.89 -45.82 24.01
C CYS C 30 14.69 -45.42 23.16
N SER C 31 14.83 -45.60 21.85
CA SER C 31 13.74 -45.35 20.93
C SER C 31 14.00 -46.07 19.63
N PHE C 32 12.94 -46.43 18.92
CA PHE C 32 13.06 -46.92 17.57
C PHE C 32 11.85 -46.42 16.80
N ASN C 33 11.88 -46.58 15.50
CA ASN C 33 10.74 -46.20 14.67
C ASN C 33 9.97 -47.41 14.20
N ILE C 34 8.66 -47.37 14.39
CA ILE C 34 7.80 -48.49 14.03
C ILE C 34 6.74 -48.01 13.06
N THR C 35 6.41 -48.86 12.10
CA THR C 35 5.29 -48.59 11.20
C THR C 35 4.02 -48.52 12.04
N THR C 36 3.01 -47.81 11.54
CA THR C 36 1.78 -47.62 12.30
C THR C 36 0.56 -48.15 11.56
N ASP C 37 -0.61 -47.96 12.17
CA ASP C 37 -1.86 -48.39 11.58
C ASP C 37 -2.03 -47.83 10.16
N VAL C 38 -1.20 -46.84 9.83
CA VAL C 38 -1.02 -46.41 8.46
C VAL C 38 0.35 -46.91 7.98
N LYS C 39 0.39 -47.54 6.82
CA LYS C 39 1.58 -48.26 6.38
C LYS C 39 2.74 -47.35 5.95
N ASP C 40 2.43 -46.15 5.49
CA ASP C 40 3.45 -45.23 4.99
C ASP C 40 3.92 -44.25 6.07
N ARG C 41 3.44 -44.44 7.29
CA ARG C 41 3.82 -43.57 8.39
C ARG C 41 4.57 -44.37 9.42
N LYS C 42 5.58 -43.75 10.02
CA LYS C 42 6.34 -44.37 11.09
C LYS C 42 6.36 -43.43 12.27
N GLN C 43 6.44 -44.00 13.47
CA GLN C 43 6.38 -43.21 14.67
C GLN C 43 7.48 -43.67 15.61
N LYS C 44 8.16 -42.72 16.25
CA LYS C 44 9.19 -43.06 17.20
C LYS C 44 8.57 -43.62 18.47
N VAL C 45 9.10 -44.75 18.92
CA VAL C 45 8.56 -45.43 20.09
C VAL C 45 9.41 -45.16 21.32
N ASN C 46 8.74 -44.85 22.43
CA ASN C 46 9.41 -44.58 23.68
C ASN C 46 9.66 -45.89 24.42
N ALA C 47 10.86 -46.44 24.25
CA ALA C 47 11.21 -47.72 24.89
C ALA C 47 12.23 -47.51 26.01
N THR C 48 11.91 -48.03 27.20
CA THR C 48 12.82 -47.94 28.33
C THR C 48 13.16 -49.31 28.90
N PHE C 49 14.35 -49.42 29.44
CA PHE C 49 14.78 -50.66 30.09
C PHE C 49 15.23 -50.34 31.52
N TYR C 50 14.91 -51.24 32.44
CA TYR C 50 15.26 -51.07 33.85
C TYR C 50 15.92 -52.34 34.35
N ASP C 51 17.14 -52.21 34.90
CA ASP C 51 17.80 -53.37 35.51
C ASP C 51 17.11 -53.75 36.81
N LEU C 68 24.36 -40.90 22.48
CA LEU C 68 23.59 -41.90 21.75
C LEU C 68 24.44 -43.09 21.36
N TYR C 69 23.98 -44.28 21.75
CA TYR C 69 24.61 -45.52 21.34
C TYR C 69 23.59 -46.32 20.55
N ARG C 70 24.02 -46.98 19.49
CA ARG C 70 23.09 -47.71 18.64
C ARG C 70 23.14 -49.20 18.93
N LEU C 71 21.98 -49.81 18.86
CA LEU C 71 21.80 -51.20 19.26
C LEU C 71 20.84 -51.83 18.28
N ILE C 72 20.84 -53.16 18.23
CA ILE C 72 19.91 -53.88 17.37
C ILE C 72 19.12 -54.87 18.22
N SER C 73 17.79 -54.78 18.14
CA SER C 73 16.90 -55.67 18.88
C SER C 73 16.19 -56.65 17.93
N CYS C 74 16.34 -57.95 18.20
CA CYS C 74 15.78 -59.00 17.33
C CYS C 74 14.86 -59.96 18.07
N GLN C 75 13.94 -60.54 17.33
CA GLN C 75 13.17 -61.69 17.79
C GLN C 75 13.22 -62.74 16.68
N THR C 76 13.35 -64.00 17.06
CA THR C 76 13.57 -65.06 16.10
C THR C 76 12.45 -66.10 16.08
N THR C 77 12.01 -66.45 14.86
CA THR C 77 10.99 -67.47 14.65
C THR C 77 11.53 -68.51 13.67
N THR C 78 10.78 -69.58 13.42
CA THR C 78 11.34 -70.80 12.81
C THR C 78 10.75 -71.30 11.50
N THR C 79 11.57 -72.02 10.74
CA THR C 79 11.08 -73.15 9.92
C THR C 79 12.10 -74.18 9.45
N GLU C 80 11.55 -75.37 9.21
CA GLU C 80 12.22 -76.47 8.54
C GLU C 80 12.05 -76.34 7.04
N ALA C 81 13.13 -76.51 6.28
CA ALA C 81 13.00 -76.57 4.83
C ALA C 81 14.10 -77.41 4.20
N VAL C 82 13.90 -77.78 2.94
CA VAL C 82 14.86 -78.57 2.20
C VAL C 82 16.00 -77.69 1.70
N ASP C 83 15.69 -76.41 1.48
CA ASP C 83 16.60 -75.50 0.82
C ASP C 83 16.82 -74.23 1.62
N ALA C 84 17.97 -73.61 1.45
CA ALA C 84 18.16 -72.26 1.93
C ALA C 84 17.24 -71.37 1.09
N ALA C 85 17.01 -71.80 -0.14
CA ALA C 85 16.20 -71.05 -1.10
C ALA C 85 14.70 -71.11 -0.79
N THR C 86 14.23 -72.28 -0.34
CA THR C 86 12.82 -72.43 -0.02
C THR C 86 12.49 -71.73 1.30
N ALA C 87 13.45 -71.74 2.21
CA ALA C 87 13.27 -71.10 3.52
C ALA C 87 13.10 -69.58 3.36
N ALA C 88 13.83 -68.98 2.43
CA ALA C 88 13.72 -67.55 2.18
C ALA C 88 12.32 -67.20 1.68
N LYS C 89 11.83 -67.96 0.71
CA LYS C 89 10.51 -67.74 0.15
C LYS C 89 9.46 -67.69 1.25
N VAL C 90 9.52 -68.67 2.15
CA VAL C 90 8.61 -68.74 3.28
C VAL C 90 8.77 -67.53 4.18
N PHE C 91 9.99 -67.30 4.64
CA PHE C 91 10.26 -66.21 5.58
C PHE C 91 9.90 -64.86 4.99
N LYS C 92 10.03 -64.73 3.67
CA LYS C 92 9.65 -63.49 2.99
C LYS C 92 8.15 -63.27 3.15
N GLN C 93 7.37 -64.33 3.01
CA GLN C 93 5.92 -64.26 3.17
C GLN C 93 5.57 -63.88 4.60
N TYR C 94 6.16 -64.59 5.57
CA TYR C 94 5.99 -64.22 6.98
C TYR C 94 6.14 -62.72 7.16
N ALA C 95 7.30 -62.19 6.78
CA ALA C 95 7.61 -60.79 7.02
C ALA C 95 6.60 -59.88 6.34
N ASN C 96 6.25 -60.23 5.10
CA ASN C 96 5.29 -59.44 4.34
C ASN C 96 3.94 -59.41 5.03
N ASP C 97 3.57 -60.51 5.66
CA ASP C 97 2.32 -60.59 6.40
C ASP C 97 2.34 -59.70 7.64
N ASN C 98 3.45 -59.73 8.36
CA ASN C 98 3.56 -59.03 9.63
C ASN C 98 3.79 -57.53 9.48
N GLY C 99 4.24 -57.12 8.30
CA GLY C 99 4.49 -55.71 8.02
C GLY C 99 5.92 -55.33 8.29
N ILE C 100 6.80 -56.32 8.29
CA ILE C 100 8.23 -56.09 8.46
C ILE C 100 8.87 -55.70 7.14
N ASP C 101 9.45 -54.50 7.08
CA ASP C 101 10.10 -54.02 5.86
C ASP C 101 11.51 -53.53 6.14
N GLY C 102 12.50 -54.24 5.59
CA GLY C 102 13.90 -53.89 5.83
C GLY C 102 14.85 -54.60 4.89
N GLU C 103 16.13 -54.61 5.25
CA GLU C 103 17.15 -55.25 4.43
C GLU C 103 17.30 -56.71 4.83
N TRP C 104 17.48 -57.57 3.84
CA TRP C 104 17.61 -59.01 4.09
C TRP C 104 19.04 -59.48 3.86
N THR C 105 19.57 -60.20 4.86
CA THR C 105 20.90 -60.79 4.77
C THR C 105 20.83 -62.24 5.19
N TYR C 106 21.70 -63.07 4.65
CA TYR C 106 21.72 -64.49 4.99
C TYR C 106 23.12 -64.97 5.34
N ASP C 107 23.21 -65.76 6.41
CA ASP C 107 24.45 -66.42 6.79
C ASP C 107 24.18 -67.92 6.83
N ASP C 108 24.91 -68.67 6.02
CA ASP C 108 24.65 -70.11 5.89
C ASP C 108 25.39 -70.91 6.95
N ALA C 109 26.40 -70.31 7.58
CA ALA C 109 27.14 -70.96 8.65
C ALA C 109 26.20 -71.22 9.83
N THR C 110 25.32 -70.25 10.10
CA THR C 110 24.31 -70.41 11.13
C THR C 110 22.92 -70.55 10.51
N LYS C 111 22.88 -70.74 9.20
CA LYS C 111 21.64 -70.83 8.45
C LYS C 111 20.55 -69.92 8.99
N THR C 112 20.87 -68.62 9.07
CA THR C 112 19.95 -67.63 9.61
C THR C 112 19.67 -66.50 8.62
N PHE C 113 18.40 -66.30 8.29
CA PHE C 113 17.96 -65.13 7.54
C PHE C 113 17.65 -64.00 8.51
N THR C 114 18.00 -62.78 8.12
CA THR C 114 17.79 -61.63 9.00
C THR C 114 17.10 -60.51 8.22
N VAL C 115 16.08 -59.91 8.82
CA VAL C 115 15.46 -58.71 8.26
C VAL C 115 15.68 -57.58 9.27
N THR C 116 16.29 -56.49 8.83
CA THR C 116 16.63 -55.39 9.74
C THR C 116 15.99 -54.09 9.29
N GLU C 117 15.28 -53.44 10.21
CA GLU C 117 14.63 -52.18 9.92
C GLU C 117 15.35 -50.98 10.54
N GLY C 118 15.50 -49.91 9.76
CA GLY C 118 16.13 -48.70 10.24
C GLY C 118 17.44 -48.41 9.53
N ARG D 2 8.45 4.67 -12.44
CA ARG D 2 8.22 6.03 -12.93
C ARG D 2 7.93 5.97 -14.42
N LEU D 3 7.03 6.84 -14.87
CA LEU D 3 6.65 6.96 -16.27
C LEU D 3 6.75 8.44 -16.61
N VAL D 4 7.43 8.78 -17.71
CA VAL D 4 7.56 10.18 -18.11
C VAL D 4 7.10 10.34 -19.55
N GLU D 5 5.97 11.02 -19.75
CA GLU D 5 5.43 11.22 -21.09
C GLU D 5 6.08 12.44 -21.75
N SER D 6 6.14 12.41 -23.08
CA SER D 6 6.63 13.55 -23.85
C SER D 6 5.92 13.53 -25.21
N GLY D 7 6.00 14.65 -25.92
CA GLY D 7 5.52 14.70 -27.29
C GLY D 7 4.29 15.57 -27.46
N GLY D 8 3.74 16.05 -26.36
CA GLY D 8 2.56 16.90 -26.43
C GLY D 8 2.84 18.24 -27.07
N GLY D 9 1.78 18.94 -27.44
CA GLY D 9 1.93 20.29 -27.97
C GLY D 9 0.63 20.76 -28.55
N VAL D 10 0.71 21.85 -29.31
CA VAL D 10 -0.46 22.48 -29.89
C VAL D 10 -0.48 22.21 -31.39
N VAL D 11 -1.52 21.54 -31.86
CA VAL D 11 -1.63 21.18 -33.27
C VAL D 11 -3.03 21.48 -33.77
N GLN D 12 -3.22 21.37 -35.08
CA GLN D 12 -4.49 21.69 -35.70
C GLN D 12 -5.27 20.41 -35.97
N PRO D 13 -6.61 20.47 -35.92
CA PRO D 13 -7.39 19.26 -36.20
C PRO D 13 -7.09 18.74 -37.62
N GLY D 14 -7.01 17.43 -37.79
CA GLY D 14 -6.66 16.83 -39.08
C GLY D 14 -5.23 16.32 -39.10
N SER D 15 -4.44 16.80 -38.14
CA SER D 15 -3.00 16.54 -38.14
C SER D 15 -2.68 15.29 -37.31
N SER D 16 -1.39 14.94 -37.29
CA SER D 16 -0.90 13.75 -36.56
C SER D 16 0.11 14.18 -35.49
N LEU D 17 0.33 13.33 -34.49
CA LEU D 17 1.27 13.61 -33.43
C LEU D 17 1.62 12.29 -32.80
N ARG D 18 2.87 12.11 -32.37
CA ARG D 18 3.24 10.89 -31.66
C ARG D 18 3.70 11.18 -30.23
N LEU D 19 3.03 10.56 -29.27
CA LEU D 19 3.43 10.67 -27.87
C LEU D 19 4.34 9.50 -27.49
N SER D 20 5.30 9.76 -26.60
CA SER D 20 6.20 8.72 -26.08
C SER D 20 6.15 8.72 -24.57
N CYS D 21 6.46 7.58 -23.98
CA CYS D 21 6.49 7.49 -22.52
C CYS D 21 7.70 6.63 -22.16
N ALA D 22 8.59 7.18 -21.35
CA ALA D 22 9.79 6.48 -20.95
C ALA D 22 9.56 5.87 -19.57
N ALA D 23 9.70 4.55 -19.46
CA ALA D 23 9.46 3.85 -18.19
C ALA D 23 10.77 3.51 -17.49
N SER D 24 10.77 3.59 -16.16
CA SER D 24 11.96 3.18 -15.41
C SER D 24 11.55 2.65 -14.04
N GLY D 25 12.46 1.91 -13.41
CA GLY D 25 12.24 1.42 -12.05
C GLY D 25 11.41 0.13 -11.97
N PHE D 26 11.15 -0.49 -13.11
CA PHE D 26 10.52 -1.81 -13.14
C PHE D 26 10.85 -2.52 -14.44
N ASP D 27 10.46 -3.79 -14.55
CA ASP D 27 10.73 -4.55 -15.79
C ASP D 27 9.60 -4.31 -16.80
N PHE D 28 9.80 -3.31 -17.64
CA PHE D 28 8.79 -2.86 -18.59
C PHE D 28 8.25 -4.02 -19.43
N SER D 29 9.16 -4.89 -19.87
CA SER D 29 8.84 -5.93 -20.84
C SER D 29 7.86 -6.98 -20.31
N ARG D 30 7.64 -6.99 -18.99
CA ARG D 30 6.77 -8.01 -18.39
C ARG D 30 5.36 -7.52 -18.09
N GLN D 31 5.10 -6.23 -18.30
CA GLN D 31 3.86 -5.63 -17.78
C GLN D 31 3.02 -4.93 -18.85
N GLY D 32 1.70 -5.05 -18.70
CA GLY D 32 0.74 -4.34 -19.53
C GLY D 32 0.79 -2.85 -19.28
N MET D 33 0.44 -2.07 -20.30
CA MET D 33 0.49 -0.62 -20.21
C MET D 33 -0.72 0.01 -20.88
N HIS D 34 -1.14 1.18 -20.37
CA HIS D 34 -2.28 1.89 -20.91
C HIS D 34 -1.92 3.33 -21.29
N TRP D 35 -2.75 3.92 -22.14
CA TRP D 35 -2.88 5.36 -22.17
C TRP D 35 -4.27 5.72 -21.61
N VAL D 36 -4.33 6.78 -20.82
CA VAL D 36 -5.60 7.32 -20.29
C VAL D 36 -5.54 8.82 -20.52
N ARG D 37 -6.66 9.42 -20.87
CA ARG D 37 -6.64 10.87 -21.10
C ARG D 37 -7.70 11.59 -20.28
N GLN D 38 -7.51 12.91 -20.15
CA GLN D 38 -8.42 13.74 -19.39
C GLN D 38 -8.44 15.14 -19.99
N ALA D 39 -9.58 15.51 -20.56
CA ALA D 39 -9.74 16.85 -21.12
C ALA D 39 -9.80 17.85 -19.95
N PRO D 40 -9.34 19.09 -20.18
CA PRO D 40 -9.37 20.10 -19.12
C PRO D 40 -10.75 20.21 -18.46
N GLY D 41 -10.78 20.02 -17.14
CA GLY D 41 -12.02 20.15 -16.37
C GLY D 41 -12.99 18.99 -16.55
N GLN D 42 -12.57 17.93 -17.21
CA GLN D 42 -13.46 16.82 -17.51
C GLN D 42 -12.95 15.51 -16.88
N GLY D 43 -13.61 14.40 -17.18
CA GLY D 43 -13.31 13.13 -16.52
C GLY D 43 -12.21 12.33 -17.19
N LEU D 44 -11.80 11.24 -16.54
CA LEU D 44 -10.84 10.31 -17.12
C LEU D 44 -11.49 9.50 -18.25
N GLU D 45 -10.72 9.22 -19.30
CA GLU D 45 -11.21 8.39 -20.38
C GLU D 45 -10.13 7.41 -20.78
N TRP D 46 -10.45 6.12 -20.70
CA TRP D 46 -9.48 5.09 -21.07
C TRP D 46 -9.29 5.13 -22.58
N VAL D 47 -8.04 5.09 -23.02
CA VAL D 47 -7.73 5.18 -24.46
C VAL D 47 -7.35 3.83 -25.05
N ALA D 48 -6.39 3.16 -24.43
CA ALA D 48 -5.87 1.92 -25.00
C ALA D 48 -5.04 1.13 -24.02
N PHE D 49 -4.89 -0.15 -24.31
CA PHE D 49 -4.10 -1.06 -23.50
C PHE D 49 -3.31 -1.97 -24.44
N ILE D 50 -2.08 -2.27 -24.04
CA ILE D 50 -1.26 -3.16 -24.84
C ILE D 50 -0.59 -4.19 -23.92
N LYS D 51 -0.64 -5.44 -24.35
CA LYS D 51 -0.09 -6.55 -23.58
C LYS D 51 1.43 -6.39 -23.44
N TYR D 52 2.01 -7.02 -22.41
CA TYR D 52 3.44 -6.92 -22.12
C TYR D 52 4.31 -7.14 -23.36
N ASP D 53 3.96 -8.09 -24.22
CA ASP D 53 4.81 -8.42 -25.36
C ASP D 53 4.32 -7.77 -26.66
N GLY D 54 3.32 -6.89 -26.55
CA GLY D 54 2.78 -6.22 -27.71
C GLY D 54 1.92 -7.13 -28.58
N SER D 55 1.64 -8.34 -28.13
CA SER D 55 0.93 -9.31 -28.97
C SER D 55 -0.57 -8.98 -29.13
N GLU D 56 -1.11 -8.16 -28.25
CA GLU D 56 -2.52 -7.78 -28.31
C GLU D 56 -2.65 -6.35 -27.90
N LYS D 57 -3.54 -5.61 -28.56
CA LYS D 57 -3.77 -4.20 -28.24
C LYS D 57 -5.28 -4.01 -28.23
N TYR D 58 -5.76 -3.19 -27.31
CA TYR D 58 -7.18 -2.84 -27.29
C TYR D 58 -7.33 -1.32 -27.28
N HIS D 59 -8.36 -0.82 -27.95
CA HIS D 59 -8.62 0.62 -28.05
C HIS D 59 -10.09 0.96 -27.75
N ALA D 60 -10.32 2.13 -27.18
CA ALA D 60 -11.68 2.62 -26.95
C ALA D 60 -12.36 2.91 -28.28
N ASP D 61 -13.67 2.65 -28.35
CA ASP D 61 -14.44 2.95 -29.56
C ASP D 61 -14.22 4.39 -30.03
N SER D 62 -14.04 5.30 -29.09
CA SER D 62 -13.99 6.72 -29.40
C SER D 62 -12.68 7.16 -30.08
N VAL D 63 -11.66 6.31 -30.03
CA VAL D 63 -10.34 6.68 -30.58
C VAL D 63 -9.87 5.75 -31.71
N TRP D 64 -10.59 4.67 -31.95
CA TRP D 64 -10.24 3.74 -33.02
C TRP D 64 -10.66 4.29 -34.41
N GLY D 65 -9.81 4.19 -35.43
CA GLY D 65 -8.39 3.99 -35.29
C GLY D 65 -7.77 5.30 -35.76
N ARG D 66 -7.82 6.26 -34.85
CA ARG D 66 -7.12 7.52 -35.00
C ARG D 66 -5.94 7.53 -34.03
N LEU D 67 -6.16 6.98 -32.83
CA LEU D 67 -5.07 6.84 -31.87
C LEU D 67 -4.70 5.36 -31.69
N SER D 68 -3.41 5.07 -31.79
CA SER D 68 -2.92 3.70 -31.81
C SER D 68 -1.77 3.55 -30.84
N ILE D 69 -1.90 2.57 -29.95
CA ILE D 69 -0.89 2.31 -28.93
C ILE D 69 0.15 1.33 -29.50
N SER D 70 1.40 1.49 -29.10
CA SER D 70 2.42 0.48 -29.44
C SER D 70 3.51 0.57 -28.39
N ARG D 71 4.47 -0.35 -28.43
CA ARG D 71 5.57 -0.30 -27.49
C ARG D 71 6.87 -0.81 -28.09
N ASP D 72 7.98 -0.37 -27.50
CA ASP D 72 9.30 -0.89 -27.86
C ASP D 72 9.99 -1.30 -26.57
N ASN D 73 9.94 -2.59 -26.28
CA ASN D 73 10.46 -3.11 -25.02
C ASN D 73 11.97 -2.94 -24.91
N SER D 74 12.66 -2.91 -26.05
CA SER D 74 14.11 -2.77 -26.04
C SER D 74 14.50 -1.38 -25.54
N LYS D 75 13.57 -0.42 -25.65
CA LYS D 75 13.83 0.96 -25.27
C LYS D 75 13.01 1.38 -24.04
N ASP D 76 12.30 0.44 -23.43
CA ASP D 76 11.41 0.75 -22.30
C ASP D 76 10.53 1.95 -22.60
N THR D 77 9.88 1.94 -23.76
CA THR D 77 9.11 3.09 -24.20
C THR D 77 7.75 2.64 -24.71
N LEU D 78 6.72 3.40 -24.31
CA LEU D 78 5.37 3.20 -24.82
C LEU D 78 5.06 4.36 -25.77
N TYR D 79 4.30 4.09 -26.82
CA TYR D 79 3.95 5.15 -27.78
C TYR D 79 2.43 5.28 -27.95
N LEU D 80 2.00 6.47 -28.34
CA LEU D 80 0.63 6.65 -28.82
C LEU D 80 0.75 7.42 -30.10
N GLN D 81 0.42 6.77 -31.21
CA GLN D 81 0.43 7.43 -32.53
C GLN D 81 -0.95 8.03 -32.75
N MET D 82 -0.99 9.35 -32.89
CA MET D 82 -2.28 10.03 -33.04
C MET D 82 -2.40 10.53 -34.48
N ASN D 83 -3.51 10.21 -35.13
CA ASN D 83 -3.78 10.68 -36.50
C ASN D 83 -5.21 11.18 -36.60
N SER D 84 -5.48 11.96 -37.64
CA SER D 84 -6.82 12.50 -37.91
C SER D 84 -7.37 13.17 -36.65
N LEU D 85 -6.51 13.95 -36.00
CA LEU D 85 -6.87 14.53 -34.72
C LEU D 85 -8.14 15.40 -34.79
N ARG D 86 -8.88 15.39 -33.67
CA ARG D 86 -10.09 16.21 -33.54
C ARG D 86 -9.91 17.20 -32.39
N VAL D 87 -10.65 18.29 -32.42
CA VAL D 87 -10.60 19.23 -31.32
C VAL D 87 -10.92 18.48 -30.03
N GLU D 88 -11.84 17.54 -30.09
CA GLU D 88 -12.24 16.76 -28.89
C GLU D 88 -11.16 15.81 -28.37
N ASP D 89 -10.06 15.65 -29.11
CA ASP D 89 -8.92 14.88 -28.63
C ASP D 89 -8.03 15.70 -27.71
N THR D 90 -8.38 16.97 -27.51
CA THR D 90 -7.62 17.84 -26.61
C THR D 90 -7.70 17.27 -25.20
N ALA D 91 -6.54 17.03 -24.59
CA ALA D 91 -6.48 16.43 -23.25
C ALA D 91 -5.08 16.35 -22.71
N THR D 92 -4.97 16.09 -21.42
CA THR D 92 -3.73 15.57 -20.84
C THR D 92 -3.74 14.08 -21.09
N TYR D 93 -2.65 13.57 -21.65
CA TYR D 93 -2.48 12.15 -21.92
C TYR D 93 -1.55 11.52 -20.89
N PHE D 94 -2.07 10.54 -20.14
CA PHE D 94 -1.28 9.82 -19.12
C PHE D 94 -0.83 8.45 -19.63
N CYS D 95 0.46 8.17 -19.45
CA CYS D 95 1.01 6.83 -19.57
C CYS D 95 0.77 6.11 -18.24
N VAL D 96 0.23 4.89 -18.27
CA VAL D 96 -0.22 4.25 -17.00
C VAL D 96 0.09 2.75 -16.98
N ARG D 97 0.63 2.25 -15.86
CA ARG D 97 0.96 0.82 -15.77
C ARG D 97 -0.22 -0.01 -15.27
N GLU D 98 -0.43 -1.17 -15.89
CA GLU D 98 -1.42 -2.12 -15.41
C GLU D 98 -0.79 -2.92 -14.28
N ALA D 99 -1.39 -2.89 -13.10
CA ALA D 99 -0.88 -3.71 -11.98
C ALA D 99 -0.89 -5.16 -12.40
N GLY D 100 0.12 -5.93 -12.01
CA GLY D 100 0.19 -7.31 -12.44
C GLY D 100 1.24 -8.10 -11.66
N GLY D 101 1.36 -9.38 -11.99
CA GLY D 101 2.29 -10.27 -11.31
C GLY D 101 1.91 -11.70 -11.62
N PRO D 102 2.40 -12.65 -10.79
CA PRO D 102 2.01 -14.04 -11.01
C PRO D 102 0.55 -14.29 -10.66
N ASP D 103 0.01 -15.36 -11.22
CA ASP D 103 -1.22 -15.93 -10.71
C ASP D 103 -0.80 -17.00 -9.72
N TYR D 104 -1.03 -16.77 -8.44
CA TYR D 104 -0.62 -17.77 -7.44
C TYR D 104 -1.72 -18.79 -7.21
N ARG D 105 -1.38 -20.06 -7.44
CA ARG D 105 -2.29 -21.19 -7.28
C ARG D 105 -1.51 -22.44 -6.86
N ASN D 106 -2.08 -23.21 -5.94
CA ASN D 106 -1.59 -24.56 -5.68
C ASN D 106 -0.09 -24.62 -5.39
N GLY D 107 0.44 -23.60 -4.73
CA GLY D 107 1.83 -23.60 -4.35
C GLY D 107 2.79 -23.15 -5.44
N TYR D 108 2.25 -22.70 -6.56
CA TYR D 108 3.07 -22.19 -7.66
C TYR D 108 2.69 -20.77 -8.06
N ASN D 109 3.70 -19.98 -8.41
CA ASN D 109 3.50 -18.73 -9.09
C ASN D 109 3.45 -19.00 -10.60
N ASP D 112 2.60 -15.89 -17.65
CA ASP D 112 2.08 -16.04 -19.01
C ASP D 112 3.22 -16.40 -19.95
N PHE D 113 2.94 -16.52 -21.26
CA PHE D 113 3.97 -16.85 -22.25
C PHE D 113 5.20 -15.98 -22.03
N TYR D 114 6.38 -16.59 -22.05
CA TYR D 114 7.62 -15.84 -22.05
C TYR D 114 7.79 -15.06 -20.74
N ASP D 115 7.17 -15.56 -19.67
CA ASP D 115 7.36 -14.99 -18.33
C ASP D 115 6.60 -13.68 -18.07
N GLY D 116 5.62 -13.37 -18.91
CA GLY D 116 4.85 -12.14 -18.73
C GLY D 116 3.94 -12.20 -17.50
N TYR D 117 3.68 -11.04 -16.91
CA TYR D 117 2.75 -10.93 -15.80
C TYR D 117 1.31 -11.14 -16.27
N TYR D 118 0.49 -11.70 -15.40
CA TYR D 118 -0.96 -11.64 -15.55
C TYR D 118 -1.45 -10.28 -15.03
N ASN D 119 -2.59 -9.80 -15.52
CA ASN D 119 -3.10 -8.49 -15.13
C ASN D 119 -3.90 -8.56 -13.83
N TYR D 120 -3.75 -7.55 -12.99
CA TYR D 120 -4.52 -7.50 -11.74
C TYR D 120 -5.71 -6.54 -11.86
N HIS D 121 -5.86 -5.91 -13.03
CA HIS D 121 -7.04 -5.11 -13.36
C HIS D 121 -7.21 -3.86 -12.50
N TYR D 122 -6.10 -3.20 -12.22
CA TYR D 122 -6.13 -1.82 -11.77
C TYR D 122 -4.85 -1.13 -12.19
N MET D 123 -4.81 0.19 -12.07
CA MET D 123 -3.67 0.98 -12.56
C MET D 123 -2.85 1.44 -11.37
N ASP D 124 -1.55 1.11 -11.34
CA ASP D 124 -0.77 1.33 -10.12
C ASP D 124 0.40 2.33 -10.27
N VAL D 125 0.65 2.78 -11.50
CA VAL D 125 1.65 3.82 -11.71
C VAL D 125 1.18 4.74 -12.81
N TRP D 126 1.27 6.05 -12.58
CA TRP D 126 0.90 7.06 -13.60
C TRP D 126 2.02 8.07 -13.83
N GLY D 127 2.16 8.51 -15.08
CA GLY D 127 3.02 9.64 -15.37
C GLY D 127 2.33 10.92 -14.92
N LYS D 128 3.04 12.04 -15.01
CA LYS D 128 2.42 13.33 -14.72
C LYS D 128 1.58 13.83 -15.90
N GLY D 129 1.72 13.19 -17.05
CA GLY D 129 0.93 13.52 -18.22
C GLY D 129 1.64 14.45 -19.21
N THR D 130 1.19 14.44 -20.46
CA THR D 130 1.65 15.39 -21.45
C THR D 130 0.43 16.06 -22.08
N THR D 131 0.52 17.36 -22.33
CA THR D 131 -0.65 18.11 -22.78
C THR D 131 -0.72 18.16 -24.31
N VAL D 132 -1.84 17.71 -24.86
CA VAL D 132 -2.13 17.84 -26.28
C VAL D 132 -3.27 18.83 -26.46
N THR D 133 -3.04 19.88 -27.24
CA THR D 133 -4.08 20.86 -27.51
C THR D 133 -4.39 20.83 -29.00
N VAL D 134 -5.62 20.50 -29.37
CA VAL D 134 -6.01 20.48 -30.78
C VAL D 134 -6.96 21.64 -31.04
N SER D 135 -6.50 22.61 -31.85
CA SER D 135 -7.21 23.88 -32.00
C SER D 135 -7.12 24.42 -33.43
N SER D 136 -8.19 25.06 -33.90
CA SER D 136 -8.19 25.69 -35.22
C SER D 136 -7.76 27.15 -35.13
N ALA D 137 -7.53 27.63 -33.92
CA ALA D 137 -7.29 29.05 -33.69
C ALA D 137 -5.88 29.52 -34.06
N SER D 138 -5.75 30.81 -34.33
CA SER D 138 -4.45 31.47 -34.44
C SER D 138 -4.44 32.70 -33.53
N THR D 139 -3.24 33.16 -33.16
CA THR D 139 -3.10 34.31 -32.27
C THR D 139 -4.01 35.46 -32.68
N LYS D 140 -4.84 35.93 -31.74
CA LYS D 140 -5.78 36.99 -32.03
C LYS D 140 -6.05 37.83 -30.78
N GLY D 141 -6.09 39.15 -30.96
CA GLY D 141 -6.36 40.06 -29.86
C GLY D 141 -7.85 40.15 -29.56
N PRO D 142 -8.18 40.49 -28.31
CA PRO D 142 -9.58 40.58 -27.87
C PRO D 142 -10.32 41.76 -28.47
N SER D 143 -11.64 41.64 -28.59
CA SER D 143 -12.50 42.81 -28.72
C SER D 143 -13.04 43.03 -27.32
N VAL D 144 -13.19 44.27 -26.90
CA VAL D 144 -13.66 44.55 -25.54
C VAL D 144 -14.94 45.37 -25.55
N PHE D 145 -15.97 44.82 -24.90
CA PHE D 145 -17.27 45.49 -24.86
C PHE D 145 -17.60 45.86 -23.42
N PRO D 146 -18.27 47.00 -23.23
CA PRO D 146 -18.69 47.41 -21.88
C PRO D 146 -19.84 46.55 -21.38
N LEU D 147 -19.87 46.31 -20.08
CA LEU D 147 -21.04 45.69 -19.44
C LEU D 147 -21.65 46.73 -18.51
N ALA D 148 -22.58 47.51 -19.05
CA ALA D 148 -23.11 48.67 -18.35
C ALA D 148 -23.91 48.28 -17.10
N PRO D 149 -23.81 49.11 -16.05
CA PRO D 149 -24.55 48.86 -14.80
C PRO D 149 -26.03 49.18 -14.93
N ALA D 159 -24.08 48.62 -7.29
CA ALA D 159 -24.08 48.55 -8.75
C ALA D 159 -22.95 47.68 -9.29
N ALA D 160 -23.30 46.75 -10.18
CA ALA D 160 -22.30 45.91 -10.84
C ALA D 160 -22.13 46.35 -12.28
N LEU D 161 -20.87 46.50 -12.70
CA LEU D 161 -20.53 46.80 -14.09
C LEU D 161 -19.24 46.09 -14.44
N GLY D 162 -18.95 45.95 -15.73
CA GLY D 162 -17.76 45.22 -16.13
C GLY D 162 -17.35 45.33 -17.59
N CYS D 163 -16.39 44.48 -17.96
CA CYS D 163 -15.86 44.39 -19.31
C CYS D 163 -15.94 42.96 -19.80
N LEU D 164 -16.40 42.79 -21.03
CA LEU D 164 -16.38 41.50 -21.70
C LEU D 164 -15.19 41.48 -22.66
N VAL D 165 -14.21 40.64 -22.35
CA VAL D 165 -13.02 40.51 -23.20
C VAL D 165 -13.21 39.32 -24.12
N LYS D 166 -13.56 39.58 -25.37
CA LYS D 166 -14.08 38.51 -26.22
C LYS D 166 -13.18 38.12 -27.39
N ASP D 167 -13.08 36.81 -27.61
CA ASP D 167 -12.46 36.24 -28.80
C ASP D 167 -10.97 36.57 -28.90
N TYR D 168 -10.19 36.05 -27.95
CA TYR D 168 -8.73 36.18 -28.04
C TYR D 168 -8.08 34.80 -27.96
N PHE D 169 -6.79 34.74 -28.33
CA PHE D 169 -6.03 33.50 -28.31
C PHE D 169 -4.55 33.79 -28.52
N PRO D 170 -3.68 33.05 -27.81
CA PRO D 170 -4.03 32.15 -26.70
C PRO D 170 -4.16 32.91 -25.39
N GLU D 171 -4.29 32.17 -24.29
CA GLU D 171 -4.21 32.77 -22.96
C GLU D 171 -2.77 33.22 -22.75
N PRO D 172 -2.55 34.14 -21.80
CA PRO D 172 -3.57 34.77 -20.97
C PRO D 172 -3.84 36.23 -21.37
N VAL D 173 -4.85 36.83 -20.76
CA VAL D 173 -5.03 38.28 -20.79
C VAL D 173 -5.03 38.80 -19.37
N THR D 174 -4.72 40.08 -19.22
CA THR D 174 -4.75 40.73 -17.92
C THR D 174 -5.70 41.92 -17.96
N VAL D 175 -6.49 42.08 -16.90
CA VAL D 175 -7.43 43.19 -16.81
C VAL D 175 -7.29 43.93 -15.50
N SER D 176 -7.21 45.26 -15.59
CA SER D 176 -7.21 46.11 -14.41
C SER D 176 -8.27 47.20 -14.58
N TRP D 177 -8.45 48.01 -13.53
CA TRP D 177 -9.45 49.07 -13.56
C TRP D 177 -8.85 50.41 -13.13
N ASN D 178 -9.06 51.43 -13.96
CA ASN D 178 -8.51 52.76 -13.72
C ASN D 178 -7.00 52.71 -13.53
N SER D 179 -6.30 52.07 -14.46
CA SER D 179 -4.86 51.96 -14.43
C SER D 179 -4.35 51.43 -13.08
N GLY D 180 -5.13 50.57 -12.44
CA GLY D 180 -4.73 49.98 -11.17
C GLY D 180 -5.21 50.75 -9.95
N ALA D 181 -5.92 51.86 -10.19
CA ALA D 181 -6.41 52.69 -9.08
C ALA D 181 -7.56 52.00 -8.37
N LEU D 182 -8.21 51.06 -9.05
CA LEU D 182 -9.37 50.37 -8.50
C LEU D 182 -9.09 48.87 -8.39
N THR D 183 -9.03 48.36 -7.15
CA THR D 183 -8.80 46.94 -6.92
C THR D 183 -9.91 46.34 -6.06
N SER D 184 -10.54 47.18 -5.25
CA SER D 184 -11.61 46.73 -4.36
C SER D 184 -12.85 46.34 -5.16
N GLY D 185 -13.47 45.23 -4.80
CA GLY D 185 -14.70 44.78 -5.43
C GLY D 185 -14.49 44.29 -6.86
N VAL D 186 -13.23 44.11 -7.25
CA VAL D 186 -12.90 43.65 -8.59
C VAL D 186 -12.82 42.13 -8.66
N HIS D 187 -13.58 41.54 -9.58
CA HIS D 187 -13.56 40.10 -9.76
C HIS D 187 -13.39 39.76 -11.24
N THR D 188 -12.24 39.20 -11.58
CA THR D 188 -11.95 38.78 -12.95
C THR D 188 -12.10 37.26 -13.06
N PHE D 189 -13.01 36.81 -13.91
CA PHE D 189 -13.35 35.39 -14.01
C PHE D 189 -12.42 34.65 -14.95
N PRO D 190 -12.11 33.37 -14.65
CA PRO D 190 -11.38 32.51 -15.59
C PRO D 190 -12.09 32.44 -16.93
N ALA D 191 -11.35 32.25 -18.01
CA ALA D 191 -11.92 32.36 -19.35
C ALA D 191 -12.67 31.10 -19.77
N VAL D 192 -13.59 31.30 -20.71
CA VAL D 192 -14.30 30.20 -21.34
C VAL D 192 -13.65 29.97 -22.70
N LEU D 193 -13.58 28.72 -23.12
CA LEU D 193 -13.05 28.38 -24.44
C LEU D 193 -14.21 28.01 -25.33
N GLN D 194 -14.43 28.80 -26.37
CA GLN D 194 -15.60 28.62 -27.21
C GLN D 194 -15.36 27.61 -28.32
N SER D 195 -16.46 27.21 -28.96
CA SER D 195 -16.42 26.28 -30.07
C SER D 195 -15.67 26.85 -31.28
N SER D 196 -15.16 28.08 -31.15
CA SER D 196 -14.39 28.71 -32.23
C SER D 196 -12.89 28.53 -32.01
N GLY D 197 -12.50 28.14 -30.80
CA GLY D 197 -11.09 28.04 -30.46
C GLY D 197 -10.59 29.29 -29.75
N LEU D 198 -11.46 30.30 -29.66
CA LEU D 198 -11.08 31.58 -29.07
C LEU D 198 -11.62 31.68 -27.65
N TYR D 199 -10.87 32.37 -26.80
CA TYR D 199 -11.25 32.51 -25.40
C TYR D 199 -12.07 33.78 -25.18
N SER D 200 -12.89 33.76 -24.15
CA SER D 200 -13.55 34.97 -23.67
C SER D 200 -13.55 34.95 -22.16
N LEU D 201 -13.37 36.12 -21.56
CA LEU D 201 -13.52 36.25 -20.12
C LEU D 201 -14.21 37.55 -19.80
N SER D 202 -14.65 37.70 -18.55
CA SER D 202 -15.28 38.93 -18.12
C SER D 202 -14.66 39.37 -16.81
N SER D 203 -14.56 40.68 -16.63
CA SER D 203 -14.20 41.23 -15.34
C SER D 203 -15.30 42.19 -14.93
N VAL D 204 -15.75 42.06 -13.68
CA VAL D 204 -16.79 42.94 -13.17
C VAL D 204 -16.37 43.47 -11.82
N VAL D 205 -16.73 44.72 -11.55
CA VAL D 205 -16.40 45.35 -10.26
C VAL D 205 -17.66 45.87 -9.60
N THR D 206 -17.78 45.66 -8.29
CA THR D 206 -18.89 46.20 -7.52
C THR D 206 -18.54 47.58 -7.00
N VAL D 207 -19.42 48.55 -7.26
CA VAL D 207 -19.19 49.93 -6.84
C VAL D 207 -20.46 50.57 -6.30
N PRO D 208 -20.29 51.64 -5.51
CA PRO D 208 -21.44 52.42 -5.00
C PRO D 208 -22.26 53.01 -6.14
N SER D 209 -23.59 52.95 -6.01
CA SER D 209 -24.49 53.50 -7.01
C SER D 209 -24.34 55.01 -7.10
N SER D 210 -24.01 55.65 -6.00
CA SER D 210 -23.88 57.10 -5.95
C SER D 210 -22.70 57.59 -6.79
N SER D 211 -21.71 56.73 -6.99
CA SER D 211 -20.48 57.10 -7.69
C SER D 211 -20.62 57.06 -9.21
N LEU D 212 -21.77 56.59 -9.71
CA LEU D 212 -22.00 56.54 -11.15
C LEU D 212 -22.21 57.96 -11.66
N GLY D 213 -21.51 58.30 -12.74
CA GLY D 213 -21.60 59.64 -13.30
C GLY D 213 -20.57 60.59 -12.72
N THR D 214 -20.11 60.31 -11.50
CA THR D 214 -19.07 61.11 -10.87
C THR D 214 -17.69 60.55 -11.23
N GLN D 215 -17.48 59.26 -10.91
CA GLN D 215 -16.22 58.60 -11.20
C GLN D 215 -16.26 57.86 -12.51
N THR D 216 -15.18 57.94 -13.27
CA THR D 216 -15.05 57.25 -14.54
C THR D 216 -14.49 55.85 -14.30
N TYR D 217 -15.07 54.86 -14.97
CA TYR D 217 -14.58 53.49 -14.87
C TYR D 217 -14.05 53.01 -16.22
N ILE D 218 -12.78 52.65 -16.25
CA ILE D 218 -12.14 52.19 -17.46
C ILE D 218 -11.35 50.91 -17.16
N CYS D 219 -11.68 49.83 -17.87
CA CYS D 219 -10.92 48.59 -17.73
C CYS D 219 -9.74 48.62 -18.68
N ASN D 220 -8.58 48.19 -18.21
CA ASN D 220 -7.38 48.18 -19.03
C ASN D 220 -6.97 46.75 -19.39
N VAL D 221 -7.25 46.38 -20.63
CA VAL D 221 -7.01 45.01 -21.08
C VAL D 221 -5.72 44.88 -21.87
N ASN D 222 -4.93 43.87 -21.54
CA ASN D 222 -3.69 43.58 -22.24
C ASN D 222 -3.60 42.11 -22.64
N HIS D 223 -3.31 41.88 -23.92
CA HIS D 223 -3.12 40.54 -24.44
C HIS D 223 -1.72 40.43 -25.07
N LYS D 224 -0.77 39.94 -24.27
CA LYS D 224 0.64 39.91 -24.64
C LYS D 224 0.87 39.25 -26.01
N PRO D 225 0.29 38.05 -26.21
CA PRO D 225 0.52 37.30 -27.45
C PRO D 225 0.27 38.09 -28.73
N SER D 226 -0.72 38.98 -28.71
CA SER D 226 -1.05 39.77 -29.89
C SER D 226 -0.60 41.23 -29.74
N ASN D 227 0.21 41.49 -28.73
CA ASN D 227 0.61 42.86 -28.41
C ASN D 227 -0.57 43.81 -28.47
N THR D 228 -1.70 43.37 -27.94
CA THR D 228 -2.94 44.17 -27.95
C THR D 228 -3.21 44.77 -26.58
N LYS D 229 -3.28 46.10 -26.52
CA LYS D 229 -3.71 46.80 -25.33
C LYS D 229 -4.92 47.67 -25.64
N VAL D 230 -5.98 47.49 -24.86
CA VAL D 230 -7.23 48.20 -25.09
C VAL D 230 -7.75 48.77 -23.77
N ASP D 231 -8.25 50.00 -23.83
CA ASP D 231 -8.81 50.65 -22.65
C ASP D 231 -10.24 51.09 -22.94
N LYS D 232 -11.20 50.49 -22.25
CA LYS D 232 -12.61 50.73 -22.54
C LYS D 232 -13.33 51.44 -21.40
N LYS D 233 -14.07 52.49 -21.74
CA LYS D 233 -14.84 53.24 -20.76
C LYS D 233 -16.24 52.65 -20.63
N VAL D 234 -16.61 52.28 -19.41
CA VAL D 234 -17.88 51.63 -19.15
C VAL D 234 -18.84 52.58 -18.44
N GLU D 235 -20.02 52.81 -19.03
CA GLU D 235 -20.95 53.81 -18.50
C GLU D 235 -22.41 53.40 -18.64
N PRO D 236 -23.28 54.01 -17.82
CA PRO D 236 -24.73 53.73 -17.88
C PRO D 236 -25.31 54.01 -19.26
N SER E 2 -20.67 2.20 -22.69
CA SER E 2 -20.61 3.65 -22.38
C SER E 2 -19.97 3.86 -21.00
N ALA E 3 -19.76 5.12 -20.62
CA ALA E 3 -19.10 5.43 -19.36
C ALA E 3 -19.95 4.94 -18.19
N LEU E 4 -19.30 4.53 -17.11
CA LEU E 4 -20.03 4.05 -15.94
C LEU E 4 -20.70 5.24 -15.22
N THR E 5 -21.91 5.05 -14.70
CA THR E 5 -22.68 6.17 -14.15
C THR E 5 -22.31 6.45 -12.69
N GLN E 6 -21.84 7.67 -12.42
CA GLN E 6 -21.56 8.13 -11.05
C GLN E 6 -22.31 9.42 -10.76
N PRO E 7 -22.62 9.68 -9.48
CA PRO E 7 -23.23 10.96 -9.11
C PRO E 7 -22.26 12.10 -9.40
N ALA E 8 -22.77 13.25 -9.80
CA ALA E 8 -21.90 14.37 -10.16
C ALA E 8 -21.09 14.87 -8.97
N SER E 9 -21.71 14.97 -7.80
CA SER E 9 -20.99 15.47 -6.63
C SER E 9 -21.61 15.00 -5.32
N VAL E 10 -20.76 14.83 -4.32
CA VAL E 10 -21.22 14.52 -2.96
C VAL E 10 -20.45 15.36 -1.97
N SER E 11 -20.92 15.39 -0.74
CA SER E 11 -20.41 16.35 0.20
C SER E 11 -20.69 15.82 1.61
N GLY E 12 -19.78 16.08 2.54
CA GLY E 12 -19.97 15.63 3.92
C GLY E 12 -19.09 16.35 4.93
N SER E 13 -19.52 16.36 6.18
CA SER E 13 -18.77 16.99 7.26
C SER E 13 -17.61 16.10 7.68
N PRO E 14 -16.53 16.71 8.17
CA PRO E 14 -15.43 15.92 8.75
C PRO E 14 -15.98 14.91 9.73
N GLY E 15 -15.48 13.68 9.70
CA GLY E 15 -15.89 12.68 10.68
C GLY E 15 -17.02 11.80 10.20
N GLN E 16 -17.75 12.25 9.19
CA GLN E 16 -18.92 11.56 8.67
C GLN E 16 -18.46 10.55 7.60
N SER E 17 -19.40 9.77 7.06
CA SER E 17 -19.10 8.90 5.91
C SER E 17 -19.85 9.35 4.66
N ILE E 18 -19.34 8.93 3.51
CA ILE E 18 -19.95 9.22 2.22
C ILE E 18 -19.90 7.94 1.40
N THR E 19 -20.88 7.72 0.53
CA THR E 19 -20.80 6.58 -0.36
C THR E 19 -21.09 7.05 -1.79
N ILE E 20 -20.27 6.56 -2.73
CA ILE E 20 -20.36 6.95 -4.14
C ILE E 20 -20.67 5.70 -4.97
N SER E 21 -21.74 5.74 -5.75
CA SER E 21 -22.12 4.59 -6.56
C SER E 21 -21.52 4.66 -7.98
N CYS E 22 -21.55 3.52 -8.66
CA CYS E 22 -20.91 3.35 -9.98
C CYS E 22 -21.71 2.27 -10.69
N GLN E 23 -22.59 2.68 -11.62
CA GLN E 23 -23.47 1.75 -12.30
C GLN E 23 -22.98 1.36 -13.69
N GLY E 24 -22.89 0.07 -13.97
CA GLY E 24 -22.50 -0.43 -15.28
C GLY E 24 -23.48 -1.46 -15.80
N THR E 25 -22.97 -2.43 -16.56
CA THR E 25 -23.80 -3.50 -17.11
C THR E 25 -23.22 -4.86 -16.74
N SER E 26 -23.91 -5.92 -17.12
CA SER E 26 -23.46 -7.28 -16.84
C SER E 26 -22.19 -7.64 -17.61
N ASN E 27 -21.81 -6.80 -18.57
CA ASN E 27 -20.59 -7.04 -19.33
C ASN E 27 -19.38 -6.28 -18.78
N ASP E 28 -19.57 -5.50 -17.73
CA ASP E 28 -18.43 -4.88 -17.05
C ASP E 28 -18.56 -5.01 -15.53
N VAL E 29 -19.09 -3.98 -14.86
CA VAL E 29 -19.24 -4.03 -13.39
C VAL E 29 -19.87 -5.34 -12.95
N GLY E 30 -20.95 -5.74 -13.61
CA GLY E 30 -21.67 -6.94 -13.23
C GLY E 30 -21.03 -8.26 -13.62
N GLY E 31 -19.99 -8.23 -14.44
CA GLY E 31 -19.47 -9.46 -15.01
C GLY E 31 -18.14 -9.93 -14.42
N TYR E 32 -17.50 -9.07 -13.63
CA TYR E 32 -16.20 -9.41 -13.06
C TYR E 32 -16.09 -8.83 -11.66
N GLU E 33 -15.17 -9.37 -10.86
CA GLU E 33 -14.84 -8.76 -9.58
C GLU E 33 -13.65 -7.82 -9.79
N SER E 34 -13.81 -6.88 -10.70
CA SER E 34 -12.68 -6.09 -11.18
C SER E 34 -13.02 -4.63 -11.31
N VAL E 35 -13.64 -4.08 -10.26
CA VAL E 35 -13.91 -2.66 -10.17
C VAL E 35 -12.83 -2.04 -9.31
N SER E 36 -12.21 -0.97 -9.80
CA SER E 36 -11.25 -0.23 -8.98
C SER E 36 -11.72 1.21 -8.88
N TRP E 37 -11.17 1.93 -7.90
CA TRP E 37 -11.53 3.31 -7.66
C TRP E 37 -10.28 4.16 -7.51
N TYR E 38 -10.34 5.40 -7.97
CA TYR E 38 -9.17 6.30 -8.02
C TYR E 38 -9.54 7.64 -7.43
N GLN E 39 -8.66 8.15 -6.58
CA GLN E 39 -8.78 9.49 -6.01
C GLN E 39 -7.87 10.43 -6.79
N GLN E 40 -8.39 11.59 -7.19
CA GLN E 40 -7.56 12.58 -7.89
C GLN E 40 -7.61 13.95 -7.24
N HIS E 41 -6.44 14.44 -6.84
CA HIS E 41 -6.31 15.80 -6.32
C HIS E 41 -6.01 16.78 -7.45
N PRO E 42 -6.31 18.06 -7.27
CA PRO E 42 -6.10 19.05 -8.32
C PRO E 42 -4.67 19.07 -8.82
N GLY E 43 -4.51 19.00 -10.14
CA GLY E 43 -3.21 19.12 -10.76
C GLY E 43 -2.35 17.89 -10.61
N LYS E 44 -2.94 16.78 -10.18
CA LYS E 44 -2.19 15.53 -10.00
C LYS E 44 -2.83 14.37 -10.75
N ALA E 45 -2.04 13.33 -11.03
CA ALA E 45 -2.60 12.07 -11.54
C ALA E 45 -3.49 11.41 -10.51
N PRO E 46 -4.46 10.60 -10.97
CA PRO E 46 -5.25 9.83 -10.02
C PRO E 46 -4.40 8.78 -9.33
N LYS E 47 -4.92 8.27 -8.20
CA LYS E 47 -4.24 7.26 -7.41
C LYS E 47 -5.26 6.24 -6.90
N VAL E 48 -4.94 4.96 -7.05
CA VAL E 48 -5.89 3.92 -6.75
C VAL E 48 -6.09 3.84 -5.24
N VAL E 49 -7.34 3.65 -4.83
CA VAL E 49 -7.65 3.47 -3.40
C VAL E 49 -8.35 2.13 -3.12
N ILE E 50 -8.98 1.55 -4.14
CA ILE E 50 -9.62 0.23 -4.03
C ILE E 50 -9.46 -0.52 -5.34
N TYR E 51 -9.26 -1.84 -5.29
CA TYR E 51 -9.31 -2.65 -6.50
C TYR E 51 -10.00 -3.99 -6.23
N ASP E 52 -10.33 -4.72 -7.29
CA ASP E 52 -11.04 -5.98 -7.14
C ASP E 52 -12.26 -5.81 -6.22
N VAL E 53 -12.96 -4.68 -6.39
CA VAL E 53 -14.21 -4.35 -5.67
C VAL E 53 -14.00 -3.85 -4.24
N SER E 54 -13.22 -4.59 -3.46
CA SER E 54 -13.19 -4.35 -2.02
C SER E 54 -11.80 -4.38 -1.42
N LYS E 55 -10.78 -4.61 -2.23
CA LYS E 55 -9.43 -4.76 -1.69
C LYS E 55 -8.72 -3.42 -1.62
N ARG E 56 -7.90 -3.24 -0.59
CA ARG E 56 -7.11 -2.01 -0.48
C ARG E 56 -5.65 -2.24 -0.85
N PRO E 57 -5.12 -1.36 -1.71
CA PRO E 57 -3.68 -1.36 -2.01
C PRO E 57 -2.90 -1.02 -0.78
N SER E 58 -1.62 -1.39 -0.78
CA SER E 58 -0.73 -1.08 0.33
C SER E 58 -0.71 0.41 0.62
N GLY E 59 -0.76 0.75 1.90
CA GLY E 59 -0.71 2.14 2.31
C GLY E 59 -2.05 2.88 2.33
N VAL E 60 -3.12 2.28 1.80
CA VAL E 60 -4.41 2.95 1.79
C VAL E 60 -5.16 2.69 3.09
N SER E 61 -5.63 3.77 3.70
CA SER E 61 -6.35 3.72 4.97
C SER E 61 -7.57 2.79 4.95
N ASN E 62 -7.81 2.10 6.06
CA ASN E 62 -9.01 1.25 6.18
C ASN E 62 -10.32 2.07 6.26
N ARG E 63 -10.20 3.39 6.19
CA ARG E 63 -11.39 4.23 6.09
C ARG E 63 -12.05 4.07 4.72
N PHE E 64 -11.31 3.53 3.75
CA PHE E 64 -11.83 3.31 2.40
C PHE E 64 -12.28 1.88 2.26
N SER E 65 -13.49 1.68 1.74
CA SER E 65 -14.01 0.32 1.50
C SER E 65 -14.85 0.29 0.24
N GLY E 66 -15.06 -0.89 -0.31
CA GLY E 66 -15.85 -1.03 -1.53
C GLY E 66 -16.72 -2.27 -1.49
N SER E 67 -17.81 -2.22 -2.24
CA SER E 67 -18.69 -3.37 -2.40
C SER E 67 -19.36 -3.29 -3.76
N LYS E 68 -20.17 -4.30 -4.06
CA LYS E 68 -20.88 -4.36 -5.32
C LYS E 68 -22.09 -5.26 -5.20
N SER E 69 -23.14 -4.92 -5.94
CA SER E 69 -24.30 -5.78 -6.04
C SER E 69 -24.92 -5.61 -7.40
N GLY E 70 -25.09 -6.71 -8.12
CA GLY E 70 -25.59 -6.64 -9.48
C GLY E 70 -24.66 -5.79 -10.30
N ASN E 71 -25.21 -4.83 -11.04
CA ASN E 71 -24.40 -4.02 -11.94
C ASN E 71 -23.94 -2.70 -11.33
N THR E 72 -23.97 -2.58 -10.01
CA THR E 72 -23.59 -1.34 -9.33
C THR E 72 -22.56 -1.54 -8.21
N ALA E 73 -21.43 -0.85 -8.31
CA ALA E 73 -20.41 -0.89 -7.26
C ALA E 73 -20.44 0.40 -6.45
N SER E 74 -19.90 0.34 -5.23
CA SER E 74 -19.93 1.50 -4.36
C SER E 74 -18.61 1.67 -3.63
N LEU E 75 -18.20 2.91 -3.45
CA LEU E 75 -17.05 3.25 -2.62
C LEU E 75 -17.55 3.98 -1.40
N THR E 76 -17.18 3.52 -0.21
CA THR E 76 -17.51 4.25 1.01
C THR E 76 -16.26 4.80 1.66
N ILE E 77 -16.32 6.06 2.04
CA ILE E 77 -15.24 6.65 2.82
C ILE E 77 -15.81 7.02 4.18
N SER E 78 -15.25 6.45 5.26
CA SER E 78 -15.70 6.77 6.60
C SER E 78 -14.70 7.70 7.31
N GLY E 79 -15.12 8.29 8.43
CA GLY E 79 -14.27 9.21 9.17
C GLY E 79 -13.67 10.30 8.28
N LEU E 80 -14.51 10.96 7.50
CA LEU E 80 -14.00 11.90 6.48
C LEU E 80 -12.95 12.86 7.02
N GLN E 81 -11.88 13.06 6.24
CA GLN E 81 -10.83 14.03 6.60
C GLN E 81 -10.62 14.98 5.43
N ALA E 82 -10.03 16.14 5.67
CA ALA E 82 -9.84 17.13 4.59
C ALA E 82 -9.11 16.52 3.40
N GLU E 83 -8.09 15.69 3.66
CA GLU E 83 -7.28 15.13 2.59
C GLU E 83 -8.10 14.24 1.65
N ASP E 84 -9.32 13.89 2.03
CA ASP E 84 -10.16 13.04 1.17
C ASP E 84 -10.82 13.83 0.05
N GLU E 85 -10.81 15.15 0.16
CA GLU E 85 -11.45 16.02 -0.83
C GLU E 85 -10.80 15.84 -2.19
N GLY E 86 -11.61 15.66 -3.23
CA GLY E 86 -11.08 15.50 -4.57
C GLY E 86 -12.10 14.86 -5.48
N ASP E 87 -11.66 14.42 -6.67
CA ASP E 87 -12.55 13.74 -7.59
C ASP E 87 -12.29 12.24 -7.55
N TYR E 88 -13.36 11.46 -7.66
CA TYR E 88 -13.25 10.00 -7.56
C TYR E 88 -13.85 9.36 -8.79
N TYR E 89 -13.13 8.39 -9.36
CA TYR E 89 -13.56 7.68 -10.57
C TYR E 89 -13.56 6.18 -10.30
N CYS E 90 -14.61 5.47 -10.70
CA CYS E 90 -14.55 4.02 -10.71
C CYS E 90 -14.05 3.55 -12.08
N LYS E 91 -13.64 2.28 -12.16
CA LYS E 91 -13.20 1.69 -13.43
C LYS E 91 -13.48 0.20 -13.39
N SER E 92 -13.87 -0.37 -14.53
CA SER E 92 -14.07 -1.81 -14.62
C SER E 92 -13.42 -2.42 -15.87
N LEU E 93 -13.03 -3.67 -15.74
CA LEU E 93 -12.74 -4.53 -16.88
C LEU E 93 -14.05 -4.72 -17.65
N THR E 94 -13.98 -4.94 -18.95
CA THR E 94 -15.16 -5.29 -19.74
C THR E 94 -15.00 -6.66 -20.38
N SER E 95 -16.10 -7.19 -20.91
CA SER E 95 -16.11 -8.50 -21.54
C SER E 95 -15.21 -8.59 -22.78
N THR E 96 -14.77 -7.45 -23.31
CA THR E 96 -13.90 -7.46 -24.49
C THR E 96 -12.45 -7.16 -24.14
N ARG E 97 -12.16 -7.17 -22.83
CA ARG E 97 -10.83 -6.88 -22.31
C ARG E 97 -10.47 -5.41 -22.38
N ARG E 98 -11.44 -4.56 -22.75
CA ARG E 98 -11.21 -3.12 -22.70
C ARG E 98 -11.41 -2.68 -21.26
N ARG E 99 -11.05 -1.45 -20.92
CA ARG E 99 -11.42 -0.88 -19.62
C ARG E 99 -12.39 0.29 -19.84
N VAL E 100 -13.13 0.66 -18.81
CA VAL E 100 -14.03 1.80 -18.89
C VAL E 100 -14.11 2.54 -17.54
N PHE E 101 -13.97 3.87 -17.59
CA PHE E 101 -14.11 4.68 -16.37
C PHE E 101 -15.54 5.18 -16.14
N GLY E 102 -15.88 5.44 -14.89
CA GLY E 102 -17.11 6.15 -14.60
C GLY E 102 -16.95 7.63 -14.89
N THR E 103 -18.07 8.35 -14.85
CA THR E 103 -18.10 9.75 -15.23
C THR E 103 -17.47 10.68 -14.18
N GLY E 104 -17.18 10.13 -13.00
CA GLY E 104 -16.47 10.90 -11.98
C GLY E 104 -17.39 11.63 -10.99
N THR E 105 -16.92 11.76 -9.75
CA THR E 105 -17.68 12.41 -8.70
C THR E 105 -16.80 13.38 -7.93
N LYS E 106 -17.24 14.63 -7.80
CA LYS E 106 -16.53 15.58 -6.96
C LYS E 106 -16.95 15.41 -5.49
N LEU E 107 -15.98 15.13 -4.62
CA LEU E 107 -16.24 15.02 -3.17
C LEU E 107 -15.75 16.28 -2.47
N THR E 108 -16.65 16.98 -1.79
CA THR E 108 -16.25 18.12 -0.97
C THR E 108 -16.31 17.72 0.51
N VAL E 109 -15.23 17.96 1.24
CA VAL E 109 -15.25 17.84 2.71
C VAL E 109 -15.46 19.22 3.30
N LEU E 110 -16.60 19.44 3.93
CA LEU E 110 -17.00 20.79 4.33
C LEU E 110 -16.01 21.42 5.31
N GLY E 111 -15.51 22.60 4.95
CA GLY E 111 -14.56 23.31 5.78
C GLY E 111 -14.89 24.77 5.96
N GLN E 112 -16.06 25.18 5.49
CA GLN E 112 -16.51 26.54 5.68
C GLN E 112 -18.01 26.56 5.47
N PRO E 113 -18.68 27.64 5.90
CA PRO E 113 -20.13 27.75 5.78
C PRO E 113 -20.65 27.64 4.35
N LYS E 114 -21.75 26.91 4.21
CA LYS E 114 -22.43 26.85 2.91
C LYS E 114 -22.72 28.27 2.46
N ALA E 115 -22.68 28.49 1.15
CA ALA E 115 -22.92 29.82 0.60
C ALA E 115 -23.56 29.70 -0.78
N ALA E 116 -24.71 30.34 -0.95
CA ALA E 116 -25.41 30.33 -2.22
C ALA E 116 -24.76 31.29 -3.21
N PRO E 117 -24.85 30.99 -4.50
CA PRO E 117 -24.19 31.82 -5.51
C PRO E 117 -24.83 33.19 -5.64
N SER E 118 -24.02 34.22 -5.80
CA SER E 118 -24.50 35.51 -6.28
C SER E 118 -24.49 35.44 -7.80
N VAL E 119 -25.57 35.88 -8.45
CA VAL E 119 -25.66 35.78 -9.90
C VAL E 119 -25.97 37.14 -10.51
N THR E 120 -25.19 37.50 -11.53
CA THR E 120 -25.45 38.72 -12.29
C THR E 120 -25.45 38.37 -13.77
N LEU E 121 -26.49 38.81 -14.47
CA LEU E 121 -26.64 38.50 -15.88
C LEU E 121 -26.65 39.80 -16.68
N PHE E 122 -25.75 39.91 -17.64
CA PHE E 122 -25.65 41.09 -18.50
C PHE E 122 -26.14 40.78 -19.91
N PRO E 123 -26.93 41.70 -20.50
CA PRO E 123 -27.37 41.57 -21.89
C PRO E 123 -26.23 41.93 -22.85
N PRO E 124 -26.45 41.77 -24.16
CA PRO E 124 -25.44 42.22 -25.13
C PRO E 124 -25.24 43.74 -25.05
N SER E 125 -24.01 44.19 -25.26
CA SER E 125 -23.72 45.62 -25.29
C SER E 125 -24.15 46.20 -26.63
N SER E 126 -24.34 47.52 -26.66
CA SER E 126 -24.66 48.22 -27.90
C SER E 126 -23.58 47.98 -28.95
N GLU E 127 -22.32 48.07 -28.50
CA GLU E 127 -21.18 47.90 -29.39
C GLU E 127 -21.19 46.52 -30.03
N GLU E 128 -21.40 45.49 -29.22
CA GLU E 128 -21.39 44.14 -29.76
C GLU E 128 -22.48 43.97 -30.83
N LEU E 129 -23.70 44.43 -30.51
CA LEU E 129 -24.80 44.30 -31.45
C LEU E 129 -24.50 45.04 -32.76
N GLN E 130 -23.73 46.12 -32.67
CA GLN E 130 -23.34 46.87 -33.87
C GLN E 130 -22.29 46.09 -34.67
N ALA E 131 -21.61 45.17 -34.00
CA ALA E 131 -20.67 44.27 -34.66
C ALA E 131 -21.40 43.03 -35.16
N ASN E 132 -22.72 43.02 -34.98
CA ASN E 132 -23.59 41.97 -35.48
C ASN E 132 -23.45 40.66 -34.70
N LYS E 133 -23.13 40.78 -33.42
CA LYS E 133 -23.07 39.64 -32.54
C LYS E 133 -23.78 39.98 -31.23
N ALA E 134 -24.06 38.95 -30.44
CA ALA E 134 -24.78 39.12 -29.18
C ALA E 134 -24.33 38.06 -28.21
N THR E 135 -23.95 38.48 -27.02
CA THR E 135 -23.49 37.55 -25.99
C THR E 135 -24.15 37.91 -24.66
N LEU E 136 -24.82 36.94 -24.05
CA LEU E 136 -25.33 37.09 -22.69
C LEU E 136 -24.28 36.52 -21.75
N VAL E 137 -23.99 37.25 -20.69
CA VAL E 137 -22.94 36.85 -19.76
C VAL E 137 -23.54 36.65 -18.39
N CYS E 138 -23.45 35.43 -17.90
CA CYS E 138 -24.01 35.10 -16.60
C CYS E 138 -22.87 34.80 -15.64
N LEU E 139 -22.67 35.68 -14.66
CA LEU E 139 -21.56 35.57 -13.73
C LEU E 139 -22.01 35.05 -12.38
N ILE E 140 -21.28 34.07 -11.85
CA ILE E 140 -21.70 33.33 -10.67
C ILE E 140 -20.55 33.29 -9.67
N SER E 141 -20.74 33.84 -8.48
CA SER E 141 -19.62 34.00 -7.55
C SER E 141 -19.97 33.66 -6.11
N ASP E 142 -18.94 33.37 -5.31
CA ASP E 142 -19.10 33.23 -3.86
C ASP E 142 -20.00 32.06 -3.46
N PHE E 143 -19.92 30.94 -4.15
CA PHE E 143 -20.68 29.77 -3.74
C PHE E 143 -19.78 28.69 -3.13
N TYR E 144 -20.37 27.89 -2.26
CA TYR E 144 -19.68 26.78 -1.63
C TYR E 144 -20.75 25.79 -1.14
N PRO E 145 -20.56 24.48 -1.40
CA PRO E 145 -19.47 23.82 -2.15
C PRO E 145 -19.37 24.29 -3.59
N GLY E 146 -18.23 24.00 -4.23
CA GLY E 146 -17.95 24.52 -5.56
C GLY E 146 -18.49 23.63 -6.66
N ALA E 147 -19.80 23.47 -6.70
CA ALA E 147 -20.44 22.75 -7.79
C ALA E 147 -21.74 23.47 -8.14
N VAL E 148 -21.94 23.78 -9.42
CA VAL E 148 -23.20 24.36 -9.87
C VAL E 148 -23.57 23.78 -11.22
N THR E 149 -24.85 23.84 -11.55
CA THR E 149 -25.27 23.57 -12.92
C THR E 149 -26.04 24.78 -13.42
N VAL E 150 -25.92 25.07 -14.70
CA VAL E 150 -26.52 26.25 -15.27
C VAL E 150 -27.39 25.86 -16.44
N ALA E 151 -28.61 26.41 -16.47
CA ALA E 151 -29.53 26.20 -17.58
C ALA E 151 -30.02 27.54 -18.09
N TRP E 152 -30.20 27.64 -19.40
CA TRP E 152 -30.67 28.89 -20.02
C TRP E 152 -32.06 28.69 -20.62
N LYS E 153 -32.86 29.76 -20.64
CA LYS E 153 -34.18 29.73 -21.25
C LYS E 153 -34.36 30.91 -22.20
N ALA E 154 -34.88 30.64 -23.40
CA ALA E 154 -35.33 31.70 -24.29
C ALA E 154 -36.83 31.81 -24.06
N ASP E 155 -37.26 32.94 -23.51
CA ASP E 155 -38.60 33.04 -22.94
C ASP E 155 -38.76 31.93 -21.89
N SER E 156 -39.66 30.99 -22.13
CA SER E 156 -39.92 29.93 -21.15
C SER E 156 -39.26 28.60 -21.52
N SER E 157 -38.82 28.47 -22.77
CA SER E 157 -38.30 27.19 -23.24
C SER E 157 -36.78 27.08 -23.07
N PRO E 158 -36.30 25.86 -22.78
CA PRO E 158 -34.87 25.64 -22.57
C PRO E 158 -34.04 25.88 -23.84
N VAL E 159 -32.79 26.26 -23.65
CA VAL E 159 -31.87 26.50 -24.76
C VAL E 159 -30.52 25.87 -24.44
N LYS E 160 -30.01 25.06 -25.37
CA LYS E 160 -28.75 24.36 -25.14
C LYS E 160 -27.67 24.75 -26.16
N ALA E 161 -28.10 25.20 -27.34
CA ALA E 161 -27.16 25.61 -28.37
C ALA E 161 -26.54 26.97 -28.06
N GLY E 162 -25.22 27.04 -28.13
CA GLY E 162 -24.52 28.31 -27.93
C GLY E 162 -24.18 28.58 -26.48
N VAL E 163 -24.43 27.60 -25.61
CA VAL E 163 -24.08 27.73 -24.21
C VAL E 163 -22.68 27.22 -23.92
N GLU E 164 -21.88 28.06 -23.26
CA GLU E 164 -20.56 27.67 -22.81
C GLU E 164 -20.37 28.11 -21.36
N THR E 165 -20.06 27.14 -20.51
CA THR E 165 -19.97 27.37 -19.07
C THR E 165 -18.61 26.90 -18.58
N THR E 166 -17.97 27.69 -17.71
CA THR E 166 -16.64 27.35 -17.21
C THR E 166 -16.72 26.38 -16.03
N THR E 167 -15.61 25.70 -15.75
CA THR E 167 -15.47 24.88 -14.55
C THR E 167 -15.41 25.78 -13.33
N PRO E 168 -16.12 25.42 -12.24
CA PRO E 168 -15.96 26.30 -11.08
C PRO E 168 -14.51 26.32 -10.62
N SER E 169 -14.02 27.48 -10.17
CA SER E 169 -12.65 27.62 -9.70
C SER E 169 -12.62 28.41 -8.40
N LYS E 170 -11.65 28.13 -7.54
CA LYS E 170 -11.57 28.77 -6.24
C LYS E 170 -11.23 30.26 -6.32
N GLN E 171 -11.98 31.08 -5.61
CA GLN E 171 -11.64 32.50 -5.47
C GLN E 171 -10.61 32.70 -4.36
N SER E 172 -10.19 33.94 -4.15
CA SER E 172 -9.22 34.28 -3.12
C SER E 172 -9.73 33.96 -1.72
N ASN E 173 -11.03 34.14 -1.50
CA ASN E 173 -11.65 33.84 -0.21
C ASN E 173 -12.04 32.36 -0.11
N ASN E 174 -11.47 31.54 -0.98
CA ASN E 174 -11.74 30.10 -0.98
C ASN E 174 -13.19 29.71 -1.24
N LYS E 175 -14.02 30.67 -1.62
CA LYS E 175 -15.32 30.34 -2.22
C LYS E 175 -15.06 30.14 -3.70
N TYR E 176 -16.09 29.77 -4.46
CA TYR E 176 -15.91 29.47 -5.87
C TYR E 176 -16.59 30.47 -6.80
N ALA E 177 -16.12 30.49 -8.04
CA ALA E 177 -16.70 31.31 -9.08
C ALA E 177 -16.82 30.51 -10.37
N ALA E 178 -17.80 30.88 -11.19
CA ALA E 178 -17.97 30.30 -12.51
C ALA E 178 -18.67 31.33 -13.37
N SER E 179 -18.76 31.06 -14.67
CA SER E 179 -19.53 31.94 -15.55
C SER E 179 -20.03 31.15 -16.74
N SER E 180 -21.10 31.63 -17.34
CA SER E 180 -21.75 30.93 -18.42
C SER E 180 -22.06 31.95 -19.49
N TYR E 181 -21.81 31.57 -20.73
CA TYR E 181 -21.96 32.46 -21.86
C TYR E 181 -22.95 31.85 -22.84
N LEU E 182 -23.95 32.64 -23.23
CA LEU E 182 -24.87 32.22 -24.26
C LEU E 182 -24.63 33.08 -25.51
N SER E 183 -24.16 32.45 -26.58
CA SER E 183 -23.91 33.16 -27.82
C SER E 183 -25.11 33.11 -28.75
N LEU E 184 -25.61 34.29 -29.13
CA LEU E 184 -26.78 34.40 -30.00
C LEU E 184 -26.48 35.35 -31.17
N THR E 185 -27.25 35.21 -32.24
CA THR E 185 -27.29 36.23 -33.28
C THR E 185 -28.17 37.38 -32.80
N PRO E 186 -27.97 38.57 -33.35
CA PRO E 186 -28.89 39.67 -33.00
C PRO E 186 -30.35 39.27 -33.23
N GLU E 187 -30.60 38.51 -34.29
CA GLU E 187 -31.96 38.09 -34.62
C GLU E 187 -32.60 37.27 -33.50
N GLN E 188 -31.87 36.29 -32.97
CA GLN E 188 -32.40 35.47 -31.88
C GLN E 188 -32.68 36.31 -30.65
N TRP E 189 -31.72 37.16 -30.30
CA TRP E 189 -31.82 38.03 -29.14
C TRP E 189 -33.09 38.90 -29.23
N LYS E 190 -33.33 39.48 -30.40
CA LYS E 190 -34.46 40.39 -30.58
C LYS E 190 -35.78 39.69 -30.88
N SER E 191 -35.75 38.38 -31.06
CA SER E 191 -36.97 37.65 -31.42
C SER E 191 -37.64 36.99 -30.22
N HIS E 192 -37.07 37.16 -29.03
CA HIS E 192 -37.68 36.64 -27.81
C HIS E 192 -37.97 37.75 -26.79
N LYS E 193 -38.97 37.51 -25.96
CA LYS E 193 -39.38 38.45 -24.93
C LYS E 193 -38.27 38.62 -23.88
N SER E 194 -37.64 37.51 -23.51
CA SER E 194 -36.55 37.58 -22.56
C SER E 194 -35.66 36.35 -22.64
N TYR E 195 -34.56 36.40 -21.90
CA TYR E 195 -33.66 35.28 -21.72
C TYR E 195 -33.32 35.18 -20.25
N SER E 196 -33.13 33.96 -19.75
CA SER E 196 -32.85 33.75 -18.34
C SER E 196 -31.67 32.81 -18.14
N CYS E 197 -30.86 33.13 -17.13
CA CYS E 197 -29.81 32.24 -16.68
C CYS E 197 -30.27 31.68 -15.35
N GLN E 198 -30.33 30.35 -15.24
CA GLN E 198 -30.79 29.71 -14.02
C GLN E 198 -29.67 28.88 -13.42
N VAL E 199 -29.26 29.23 -12.20
CA VAL E 199 -28.12 28.59 -11.57
C VAL E 199 -28.59 27.72 -10.40
N THR E 200 -28.27 26.44 -10.45
CA THR E 200 -28.66 25.52 -9.39
C THR E 200 -27.44 25.16 -8.54
N HIS E 201 -27.56 25.38 -7.24
CA HIS E 201 -26.49 25.09 -6.29
C HIS E 201 -27.11 24.34 -5.12
N GLU E 202 -26.58 23.16 -4.82
CA GLU E 202 -27.06 22.36 -3.70
C GLU E 202 -28.58 22.27 -3.67
N GLY E 203 -29.17 22.04 -4.83
CA GLY E 203 -30.60 21.80 -4.94
C GLY E 203 -31.48 23.04 -5.00
N SER E 204 -30.90 24.23 -4.80
CA SER E 204 -31.68 25.47 -4.84
C SER E 204 -31.28 26.30 -6.05
N THR E 205 -32.28 26.86 -6.73
CA THR E 205 -32.04 27.55 -8.00
C THR E 205 -32.17 29.07 -7.86
N VAL E 206 -31.19 29.78 -8.40
CA VAL E 206 -31.20 31.23 -8.45
C VAL E 206 -31.33 31.68 -9.90
N GLU E 207 -32.26 32.59 -10.18
CA GLU E 207 -32.56 32.95 -11.57
C GLU E 207 -32.43 34.46 -11.81
N LYS E 208 -31.86 34.82 -12.95
CA LYS E 208 -31.83 36.21 -13.40
C LYS E 208 -32.31 36.25 -14.84
N THR E 209 -33.01 37.33 -15.20
CA THR E 209 -33.59 37.45 -16.53
C THR E 209 -33.26 38.82 -17.13
N VAL E 210 -33.05 38.85 -18.45
CA VAL E 210 -32.84 40.12 -19.14
C VAL E 210 -33.69 40.16 -20.41
N ALA E 211 -34.01 41.37 -20.89
CA ALA E 211 -34.88 41.52 -22.04
C ALA E 211 -34.34 42.55 -23.03
N PRO E 212 -34.63 42.36 -24.33
CA PRO E 212 -34.19 43.31 -25.36
C PRO E 212 -34.81 44.70 -25.15
N THR F 2 14.40 -55.71 -12.95
CA THR F 2 13.01 -55.64 -13.41
C THR F 2 12.68 -54.26 -13.96
N THR F 3 12.02 -54.24 -15.11
CA THR F 3 11.73 -52.99 -15.80
C THR F 3 10.41 -52.37 -15.35
N PHE F 4 10.47 -51.11 -14.94
CA PHE F 4 9.27 -50.36 -14.60
C PHE F 4 9.08 -49.21 -15.57
N LYS F 5 7.84 -48.75 -15.73
CA LYS F 5 7.54 -47.63 -16.61
C LYS F 5 7.01 -46.44 -15.84
N LEU F 6 7.33 -45.25 -16.35
CA LEU F 6 6.82 -44.00 -15.82
C LEU F 6 6.13 -43.23 -16.94
N ALA F 7 4.87 -42.90 -16.75
CA ALA F 7 4.12 -42.10 -17.71
C ALA F 7 3.98 -40.71 -17.14
N ALA F 8 4.84 -39.79 -17.61
CA ALA F 8 4.84 -38.41 -17.14
C ALA F 8 3.90 -37.60 -18.04
N CYS F 9 2.90 -36.97 -17.44
CA CYS F 9 1.83 -36.33 -18.20
C CYS F 9 1.64 -34.88 -17.82
N VAL F 10 1.16 -34.09 -18.78
CA VAL F 10 0.85 -32.69 -18.55
C VAL F 10 -0.50 -32.36 -19.17
N THR F 11 -1.23 -31.42 -18.57
CA THR F 11 -2.53 -31.02 -19.10
C THR F 11 -2.37 -29.91 -20.13
N LEU F 12 -2.99 -30.07 -21.29
CA LEU F 12 -2.97 -29.03 -22.32
C LEU F 12 -4.33 -28.37 -22.47
N ALA F 13 -4.32 -27.11 -22.86
CA ALA F 13 -5.55 -26.42 -23.27
C ALA F 13 -5.37 -26.00 -24.73
N CYS F 14 -6.31 -26.40 -25.60
CA CYS F 14 -6.18 -26.19 -27.04
C CYS F 14 -7.43 -25.53 -27.66
N THR F 15 -7.23 -24.86 -28.79
CA THR F 15 -8.33 -24.25 -29.53
C THR F 15 -8.21 -24.62 -31.01
N ARG F 26 -4.04 -27.49 -41.16
CA ARG F 26 -4.81 -26.88 -40.08
C ARG F 26 -4.01 -26.82 -38.79
N VAL F 27 -4.11 -25.69 -38.10
CA VAL F 27 -3.33 -25.44 -36.90
C VAL F 27 -4.16 -25.60 -35.64
N LYS F 28 -3.58 -26.22 -34.63
CA LYS F 28 -4.17 -26.25 -33.30
C LYS F 28 -3.27 -25.46 -32.36
N HIS F 29 -3.83 -24.46 -31.70
CA HIS F 29 -3.08 -23.62 -30.78
C HIS F 29 -3.34 -24.09 -29.36
N CYS F 30 -2.27 -24.48 -28.67
CA CYS F 30 -2.40 -25.04 -27.33
C CYS F 30 -1.43 -24.37 -26.37
N SER F 31 -1.62 -24.66 -25.09
CA SER F 31 -0.70 -24.18 -24.09
C SER F 31 -0.75 -25.09 -22.88
N PHE F 32 0.34 -25.09 -22.13
CA PHE F 32 0.39 -25.82 -20.86
C PHE F 32 1.38 -25.10 -19.97
N ASN F 33 1.27 -25.33 -18.68
CA ASN F 33 2.16 -24.70 -17.73
C ASN F 33 3.24 -25.68 -17.30
N ILE F 34 4.48 -25.24 -17.38
CA ILE F 34 5.61 -26.12 -17.04
C ILE F 34 6.45 -25.47 -15.96
N THR F 35 7.00 -26.28 -15.07
CA THR F 35 7.91 -25.78 -14.05
C THR F 35 9.24 -25.42 -14.66
N THR F 36 9.72 -24.22 -14.36
CA THR F 36 10.98 -23.72 -14.90
C THR F 36 12.18 -24.35 -14.20
N ASP F 37 13.28 -23.61 -14.15
CA ASP F 37 14.45 -24.02 -13.37
C ASP F 37 14.26 -23.67 -11.88
N VAL F 38 13.25 -22.85 -11.60
CA VAL F 38 12.91 -22.50 -10.22
C VAL F 38 11.70 -23.33 -9.79
N LYS F 39 11.78 -23.96 -8.63
CA LYS F 39 10.89 -25.08 -8.34
C LYS F 39 9.44 -24.69 -8.04
N ASP F 40 9.22 -23.44 -7.64
CA ASP F 40 7.88 -23.00 -7.27
C ASP F 40 7.26 -22.03 -8.28
N ARG F 41 7.79 -21.99 -9.50
CA ARG F 41 7.19 -21.13 -10.52
C ARG F 41 7.03 -21.87 -11.83
N LYS F 42 5.91 -21.57 -12.48
CA LYS F 42 5.57 -22.20 -13.74
C LYS F 42 5.38 -21.13 -14.79
N GLN F 43 5.63 -21.52 -16.05
CA GLN F 43 5.48 -20.62 -17.17
C GLN F 43 4.59 -21.28 -18.22
N LYS F 44 3.70 -20.49 -18.82
CA LYS F 44 2.86 -21.02 -19.88
C LYS F 44 3.71 -21.19 -21.12
N VAL F 45 3.61 -22.37 -21.74
CA VAL F 45 4.37 -22.71 -22.94
C VAL F 45 3.44 -22.55 -24.13
N ASN F 46 3.95 -21.90 -25.17
CA ASN F 46 3.21 -21.72 -26.42
C ASN F 46 3.44 -22.91 -27.35
N ALA F 47 2.51 -23.86 -27.34
CA ALA F 47 2.65 -25.09 -28.13
C ALA F 47 1.68 -25.06 -29.31
N THR F 48 2.14 -25.51 -30.47
CA THR F 48 1.26 -25.59 -31.63
C THR F 48 1.43 -26.91 -32.36
N PHE F 49 0.33 -27.40 -32.91
CA PHE F 49 0.35 -28.63 -33.69
C PHE F 49 -0.14 -28.36 -35.12
N TYR F 50 0.52 -28.97 -36.10
CA TYR F 50 0.16 -28.78 -37.50
C TYR F 50 -0.02 -30.12 -38.19
N ASP F 51 -1.15 -30.29 -38.87
CA ASP F 51 -1.47 -31.54 -39.55
C ASP F 51 -1.00 -31.50 -40.99
N LEU F 68 -12.22 -23.71 -26.21
CA LEU F 68 -11.08 -24.38 -25.57
C LEU F 68 -11.45 -25.79 -25.13
N TYR F 69 -10.58 -26.76 -25.45
CA TYR F 69 -10.76 -28.12 -24.97
C TYR F 69 -9.51 -28.66 -24.28
N ARG F 70 -9.70 -29.50 -23.26
CA ARG F 70 -8.61 -30.04 -22.48
C ARG F 70 -8.05 -31.30 -23.14
N LEU F 71 -6.75 -31.52 -22.96
CA LEU F 71 -6.06 -32.64 -23.57
C LEU F 71 -4.89 -33.04 -22.68
N ILE F 72 -4.64 -34.33 -22.55
CA ILE F 72 -3.53 -34.82 -21.75
C ILE F 72 -2.39 -35.26 -22.65
N SER F 73 -1.18 -34.82 -22.35
CA SER F 73 0.00 -35.23 -23.10
C SER F 73 0.96 -36.01 -22.21
N CYS F 74 1.32 -37.21 -22.64
CA CYS F 74 2.19 -38.06 -21.84
C CYS F 74 3.41 -38.54 -22.62
N GLN F 75 4.50 -38.74 -21.90
CA GLN F 75 5.65 -39.45 -22.44
C GLN F 75 6.04 -40.54 -21.45
N THR F 76 6.30 -41.73 -21.97
CA THR F 76 6.52 -42.89 -21.12
C THR F 76 7.95 -43.41 -21.23
N THR F 77 8.61 -43.51 -20.09
CA THR F 77 9.98 -44.01 -20.04
C THR F 77 10.07 -45.24 -19.15
N THR F 78 11.26 -45.82 -19.07
CA THR F 78 11.50 -46.97 -18.19
C THR F 78 12.80 -46.84 -17.42
N THR F 79 12.92 -47.60 -16.35
CA THR F 79 14.19 -47.82 -15.66
C THR F 79 14.11 -49.16 -14.96
N GLU F 80 15.26 -49.71 -14.58
CA GLU F 80 15.31 -51.02 -13.98
C GLU F 80 15.68 -50.94 -12.50
N ALA F 81 14.93 -51.66 -11.67
CA ALA F 81 15.16 -51.66 -10.23
C ALA F 81 14.72 -52.98 -9.61
N VAL F 82 15.10 -53.20 -8.36
CA VAL F 82 14.83 -54.44 -7.67
C VAL F 82 13.33 -54.63 -7.40
N ASP F 83 12.67 -53.55 -7.00
CA ASP F 83 11.26 -53.62 -6.64
C ASP F 83 10.55 -52.30 -6.94
N ALA F 84 9.23 -52.31 -6.82
CA ALA F 84 8.41 -51.15 -7.15
C ALA F 84 8.65 -50.01 -6.16
N ALA F 85 9.13 -50.33 -4.97
CA ALA F 85 9.42 -49.29 -3.98
C ALA F 85 10.67 -48.54 -4.38
N THR F 86 11.65 -49.26 -4.92
CA THR F 86 12.91 -48.64 -5.33
C THR F 86 12.73 -47.86 -6.63
N ALA F 87 11.91 -48.40 -7.54
CA ALA F 87 11.61 -47.71 -8.78
C ALA F 87 10.80 -46.45 -8.48
N ALA F 88 9.90 -46.56 -7.51
CA ALA F 88 9.11 -45.41 -7.09
C ALA F 88 10.02 -44.20 -6.84
N LYS F 89 11.09 -44.42 -6.09
CA LYS F 89 12.02 -43.34 -5.73
C LYS F 89 12.75 -42.81 -6.97
N VAL F 90 13.40 -43.72 -7.70
CA VAL F 90 14.15 -43.34 -8.89
C VAL F 90 13.31 -42.46 -9.81
N PHE F 91 11.99 -42.67 -9.78
CA PHE F 91 11.08 -41.87 -10.58
C PHE F 91 10.76 -40.54 -9.91
N LYS F 92 10.83 -40.51 -8.58
CA LYS F 92 10.61 -39.26 -7.84
C LYS F 92 11.74 -38.27 -8.10
N GLN F 93 12.97 -38.69 -7.82
CA GLN F 93 14.14 -37.82 -7.99
C GLN F 93 14.29 -37.42 -9.45
N TYR F 94 13.84 -38.28 -10.35
CA TYR F 94 13.83 -37.98 -11.77
C TYR F 94 12.96 -36.76 -12.03
N ALA F 95 11.83 -36.72 -11.35
CA ALA F 95 10.88 -35.62 -11.47
C ALA F 95 11.37 -34.38 -10.73
N ASN F 96 12.50 -34.51 -10.04
CA ASN F 96 13.09 -33.39 -9.30
C ASN F 96 14.26 -32.78 -10.06
N ASP F 97 15.02 -33.62 -10.76
CA ASP F 97 16.02 -33.15 -11.69
C ASP F 97 15.31 -32.41 -12.84
N ASN F 98 14.03 -32.74 -13.00
CA ASN F 98 13.18 -32.04 -13.96
C ASN F 98 12.09 -31.28 -13.23
N GLY F 99 11.17 -30.70 -14.00
CA GLY F 99 10.05 -29.98 -13.44
C GLY F 99 8.77 -30.77 -13.59
N ILE F 100 8.65 -31.84 -12.82
CA ILE F 100 7.50 -32.73 -12.91
C ILE F 100 6.86 -32.89 -11.54
N ASP F 101 5.55 -32.68 -11.49
CA ASP F 101 4.80 -32.72 -10.25
C ASP F 101 3.37 -33.14 -10.55
N GLY F 102 2.68 -33.66 -9.54
CA GLY F 102 1.29 -34.01 -9.69
C GLY F 102 0.88 -35.21 -8.89
N GLU F 103 -0.26 -35.79 -9.25
CA GLU F 103 -0.76 -36.99 -8.60
C GLU F 103 -0.07 -38.23 -9.16
N TRP F 104 0.44 -39.07 -8.27
CA TRP F 104 1.13 -40.29 -8.67
C TRP F 104 0.20 -41.49 -8.59
N THR F 105 0.53 -42.54 -9.34
CA THR F 105 -0.30 -43.74 -9.41
C THR F 105 0.58 -44.92 -9.79
N TYR F 106 0.10 -46.14 -9.50
CA TYR F 106 0.85 -47.33 -9.86
C TYR F 106 -0.09 -48.47 -10.27
N ASP F 107 0.29 -49.17 -11.35
CA ASP F 107 -0.43 -50.37 -11.78
C ASP F 107 0.52 -51.56 -11.68
N ASP F 108 0.32 -52.39 -10.67
CA ASP F 108 1.25 -53.48 -10.36
C ASP F 108 1.40 -54.47 -11.52
N ALA F 109 0.32 -54.74 -12.24
CA ALA F 109 0.35 -55.77 -13.29
C ALA F 109 1.15 -55.31 -14.50
N THR F 110 1.20 -54.00 -14.73
CA THR F 110 1.92 -53.44 -15.86
C THR F 110 3.23 -52.77 -15.44
N LYS F 111 3.53 -52.82 -14.14
CA LYS F 111 4.75 -52.22 -13.60
C LYS F 111 4.89 -50.78 -14.08
N THR F 112 3.77 -50.06 -14.12
CA THR F 112 3.77 -48.72 -14.69
C THR F 112 3.24 -47.67 -13.71
N PHE F 113 4.10 -46.71 -13.37
CA PHE F 113 3.69 -45.57 -12.58
C PHE F 113 3.10 -44.51 -13.51
N THR F 114 2.25 -43.64 -12.96
CA THR F 114 1.71 -42.53 -13.73
C THR F 114 1.68 -41.25 -12.89
N VAL F 115 2.12 -40.16 -13.48
CA VAL F 115 2.08 -38.85 -12.83
C VAL F 115 1.40 -37.85 -13.76
N THR F 116 0.54 -37.01 -13.19
CA THR F 116 -0.20 -36.06 -14.00
C THR F 116 -0.08 -34.65 -13.43
N GLU F 117 0.41 -33.73 -14.28
CA GLU F 117 0.63 -32.35 -13.88
C GLU F 117 -0.53 -31.47 -14.34
#